data_6UYN
#
_entry.id   6UYN
#
_cell.length_a   205.590
_cell.length_b   205.590
_cell.length_c   205.590
_cell.angle_alpha   90.000
_cell.angle_beta   90.000
_cell.angle_gamma   90.000
#
_symmetry.space_group_name_H-M   'I 21 3'
#
loop_
_entity.id
_entity.type
_entity.pdbx_description
1 polymer 'Hemagglutinin HA1 chain'
2 polymer 'CR6261 Fab heavy chain'
3 polymer 'CR6261 Fab light chain'
4 branched 2-acetamido-2-deoxy-beta-D-glucopyranose-(1-4)-2-acetamido-2-deoxy-beta-D-glucopyranose
5 non-polymer 2-acetamido-2-deoxy-beta-D-glucopyranose
6 non-polymer 'CHLORIDE ION'
7 water water
#
loop_
_entity_poly.entity_id
_entity_poly.type
_entity_poly.pdbx_seq_one_letter_code
_entity_poly.pdbx_strand_id
1 'polypeptide(L)'
;MKANLLVLLCALAAADADKICIGYHANNSTDTVDTVLEKNVTVTHSVNLLENKHNGKLCKLRGVAPLHLGKCNIAGWLLG
NPECESLATASSWSYIVETSSSNNGTCYPGDFINYEELREQLSSVSSFEKFEIFPKTSSWPNHETNKGVTAACPHAGTNS
FYKNLIWLVKKENSYPKINISYTNNRGKEVLVLWAIHHPPTSTDQQSLYQNANSYVFVGSSRYSRKFEPEIATRPKVRGQ
AGRMNYYWTLVEPGDKITFEATGNLVVPRYAFALKRNSGSGIIISETPVHDCDTTCQTPNGAINTSLPFQNIHPVTIGEC
PKYVKSTKLRMATGLRNIPSIQSRGLFGAIAGFIEGGWTGMIDGWYGYHHQNEQGSGYAADLKSTQNAIDGITNKVNSVI
EKMNTQFTAVGKEFSHLERRIENLNKKVDDGFIDIWTYNAELLVLLENERTLDYHDSNVKTLYEKVRSQLKNNAKEIGNG
CFEFYHKCDDTCMESVKNGTYDYPKYSEEAKLNREEIDGIKLESTRIYQILAIYSTVASSLVLLVSLGAISFWMCSNGSL
QCRICI
;
A,B
2 'polypeptide(L)'
;EVQLVESGAEVKKPGSSVKVSCKASGGPFRSYAISWVRQAPGQGPEWMGGIIPIFGTTKYAPKFQGRVTITADDFAGTVY
MELSSLRSEDTAMYYCAKHMGYQVRETMDVWGKGTTVTVSSASTKGPSVFPLAPSSKSTSGGTAALGCLVKDYFPEPVTV
SWNSGALTSGVHTFPAVLQSSGLYSLSSVVTVPSSSLGTQTYICNVNHKPSNTKVDKRVEPKSCDKHHHHHH
;
H
3 'polypeptide(L)'
;QSVLTQPPSVSAAPGQKVTISCSGSSSNIGNDYVSWYQQLPGTAPKLLIYDNNKRPSGIPDRFSGSKSGTSATLGITGLQ
TGDEANYYCATWDRRPTAYVVFGGGTKLTVLGAAAGQPKAAPSVTLFPPSSEELQANKATLVCLISDFYPGAVTVAWKAD
SSPVKAGVETTTPSKQSNNKYAASSYLSLTPEQWKSHRSYSCQVTHEGSTVEKTVAPTECS
;
L
#
# COMPACT_ATOMS: atom_id res chain seq x y z
N ASP A 16 8.75 -3.35 57.02
CA ASP A 16 8.49 -1.92 57.18
C ASP A 16 9.10 -1.16 56.01
N ALA A 17 9.92 -1.89 55.25
CA ALA A 17 10.56 -1.40 54.05
C ALA A 17 9.77 -1.73 52.79
N ASP A 18 8.45 -1.91 52.89
CA ASP A 18 7.62 -2.12 51.72
C ASP A 18 7.38 -0.78 51.02
N LYS A 19 7.76 -0.67 49.76
CA LYS A 19 7.56 0.57 49.03
C LYS A 19 7.09 0.29 47.61
N ILE A 20 6.48 1.31 47.01
CA ILE A 20 6.04 1.29 45.62
C ILE A 20 6.42 2.63 44.99
N CYS A 21 6.85 2.60 43.73
CA CYS A 21 7.30 3.81 43.05
C CYS A 21 6.59 3.96 41.71
N ILE A 22 6.23 5.22 41.35
CA ILE A 22 5.76 5.57 40.02
C ILE A 22 6.97 5.89 39.13
N GLY A 23 6.88 5.55 37.85
CA GLY A 23 7.98 5.80 36.95
C GLY A 23 7.57 5.66 35.50
N TYR A 24 8.56 5.59 34.61
CA TYR A 24 8.29 5.61 33.18
C TYR A 24 9.34 4.83 32.40
N HIS A 25 8.99 4.51 31.15
CA HIS A 25 9.75 3.59 30.31
C HIS A 25 11.07 4.19 29.85
N ALA A 26 12.04 3.32 29.62
CA ALA A 26 13.26 3.71 28.92
C ALA A 26 13.75 2.51 28.14
N ASN A 27 14.56 2.78 27.10
CA ASN A 27 15.16 1.71 26.32
C ASN A 27 16.49 2.23 25.78
N ASN A 28 17.07 1.51 24.82
CA ASN A 28 18.35 1.92 24.28
C ASN A 28 18.22 2.50 22.88
N SER A 29 17.03 3.01 22.54
CA SER A 29 16.87 3.76 21.31
C SER A 29 17.81 4.97 21.31
N THR A 30 18.37 5.28 20.14
CA THR A 30 19.24 6.45 19.97
C THR A 30 18.70 7.44 18.95
N ASP A 31 17.45 7.29 18.50
CA ASP A 31 16.83 8.28 17.64
C ASP A 31 16.55 9.56 18.41
N THR A 32 16.69 10.70 17.74
CA THR A 32 16.48 12.00 18.38
C THR A 32 15.43 12.79 17.64
N VAL A 33 14.85 13.76 18.35
CA VAL A 33 13.88 14.70 17.79
C VAL A 33 14.22 16.10 18.27
N ASP A 34 13.65 17.09 17.60
CA ASP A 34 13.88 18.50 17.88
C ASP A 34 12.60 19.18 18.36
N THR A 35 12.76 20.18 19.21
CA THR A 35 11.70 21.11 19.59
C THR A 35 12.24 22.54 19.47
N VAL A 36 11.39 23.55 19.64
CA VAL A 36 11.97 24.90 19.59
C VAL A 36 12.83 25.16 20.80
N LEU A 37 12.58 24.45 21.89
CA LEU A 37 13.29 24.66 23.12
C LEU A 37 14.61 23.90 23.19
N GLU A 38 14.76 22.87 22.36
CA GLU A 38 15.89 21.95 22.55
C GLU A 38 16.07 21.09 21.31
N LYS A 39 17.32 20.80 20.97
CA LYS A 39 17.67 19.94 19.84
C LYS A 39 18.19 18.59 20.34
N ASN A 40 18.14 17.60 19.44
CA ASN A 40 18.79 16.30 19.64
C ASN A 40 18.32 15.62 20.92
N VAL A 41 17.00 15.58 21.12
CA VAL A 41 16.40 14.95 22.30
C VAL A 41 16.18 13.46 22.01
N THR A 42 16.86 12.60 22.76
CA THR A 42 16.67 11.17 22.63
C THR A 42 15.31 10.77 23.20
N VAL A 43 14.51 10.08 22.40
CA VAL A 43 13.17 9.68 22.79
C VAL A 43 13.05 8.17 22.65
N THR A 44 12.14 7.59 23.42
CA THR A 44 12.00 6.14 23.42
C THR A 44 11.41 5.60 22.12
N HIS A 45 10.61 6.42 21.43
CA HIS A 45 9.91 5.98 20.23
C HIS A 45 9.63 7.17 19.33
N SER A 46 9.72 6.96 18.02
CA SER A 46 9.48 8.02 17.05
C SER A 46 9.21 7.40 15.68
N VAL A 47 8.71 8.22 14.77
CA VAL A 47 8.50 7.83 13.38
C VAL A 47 9.21 8.83 12.46
N ASN A 48 9.85 8.31 11.42
CA ASN A 48 10.39 9.13 10.35
C ASN A 48 9.29 9.42 9.34
N LEU A 49 9.06 10.70 9.04
CA LEU A 49 8.00 11.07 8.12
C LEU A 49 8.51 11.40 6.73
N LEU A 50 9.81 11.22 6.46
CA LEU A 50 10.46 11.76 5.28
C LEU A 50 11.18 10.67 4.50
N GLU A 51 10.75 10.43 3.27
CA GLU A 51 11.38 9.44 2.40
C GLU A 51 12.50 10.08 1.59
N ASN A 52 13.71 9.50 1.68
CA ASN A 52 14.87 10.01 0.96
C ASN A 52 15.51 8.96 0.06
N LYS A 53 14.83 7.84 -0.20
CA LYS A 53 15.42 6.69 -0.88
C LYS A 53 14.58 6.34 -2.11
N HIS A 54 15.24 6.21 -3.26
CA HIS A 54 14.61 5.80 -4.50
C HIS A 54 15.41 4.64 -5.08
N ASN A 55 14.90 4.08 -6.18
CA ASN A 55 15.49 2.87 -6.75
C ASN A 55 16.36 3.12 -7.97
N GLY A 56 16.42 4.37 -8.46
CA GLY A 56 17.32 4.70 -9.55
C GLY A 56 16.95 4.12 -10.89
N LYS A 57 15.66 3.97 -11.18
CA LYS A 57 15.22 3.46 -12.47
C LYS A 57 13.91 4.15 -12.87
N LEU A 58 13.63 4.11 -14.17
CA LEU A 58 12.31 4.49 -14.69
C LEU A 58 11.50 3.22 -14.90
N CYS A 59 10.29 3.20 -14.35
CA CYS A 59 9.51 1.97 -14.26
C CYS A 59 8.17 2.10 -14.96
N LYS A 60 7.47 0.98 -15.07
CA LYS A 60 6.06 0.99 -15.41
C LYS A 60 5.28 1.73 -14.33
N LEU A 61 4.22 2.42 -14.74
CA LEU A 61 3.33 3.13 -13.83
C LEU A 61 2.00 2.40 -13.79
N ARG A 62 1.81 1.60 -12.74
CA ARG A 62 0.63 0.74 -12.58
C ARG A 62 0.41 -0.08 -13.85
N GLY A 63 1.40 -0.94 -14.11
CA GLY A 63 1.36 -1.87 -15.22
C GLY A 63 1.42 -1.26 -16.61
N VAL A 64 1.70 0.02 -16.72
CA VAL A 64 1.73 0.73 -18.01
C VAL A 64 3.12 1.31 -18.19
N ALA A 65 3.84 0.81 -19.20
CA ALA A 65 5.20 1.26 -19.41
C ALA A 65 5.24 2.65 -20.04
N PRO A 66 6.26 3.45 -19.74
CA PRO A 66 6.37 4.79 -20.31
C PRO A 66 6.84 4.73 -21.75
N LEU A 67 6.89 5.89 -22.38
CA LEU A 67 7.42 6.04 -23.72
C LEU A 67 8.75 6.78 -23.62
N HIS A 68 9.85 6.05 -23.83
CA HIS A 68 11.16 6.67 -23.89
C HIS A 68 11.45 7.08 -25.32
N LEU A 69 11.68 8.37 -25.54
CA LEU A 69 11.93 8.89 -26.88
C LEU A 69 13.37 8.71 -27.35
N GLY A 70 14.30 8.43 -26.43
CA GLY A 70 15.68 8.12 -26.78
C GLY A 70 16.43 9.19 -27.56
N LYS A 71 16.82 8.86 -28.80
CA LYS A 71 17.61 9.79 -29.60
C LYS A 71 16.77 10.95 -30.14
N CYS A 72 15.46 10.82 -30.15
CA CYS A 72 14.57 11.80 -30.76
C CYS A 72 13.86 12.62 -29.68
N ASN A 73 13.43 13.82 -30.08
CA ASN A 73 12.59 14.67 -29.24
C ASN A 73 11.16 14.65 -29.77
N ILE A 74 10.30 15.44 -29.11
CA ILE A 74 8.88 15.48 -29.46
C ILE A 74 8.71 15.75 -30.94
N ALA A 75 9.46 16.72 -31.47
CA ALA A 75 9.33 17.05 -32.88
C ALA A 75 9.74 15.87 -33.76
N GLY A 76 10.85 15.21 -33.42
CA GLY A 76 11.30 14.08 -34.22
C GLY A 76 10.34 12.90 -34.18
N TRP A 77 9.77 12.63 -33.01
CA TRP A 77 8.80 11.54 -32.87
C TRP A 77 7.62 11.73 -33.81
N LEU A 78 6.88 12.83 -33.63
CA LEU A 78 5.62 13.01 -34.36
C LEU A 78 5.86 13.24 -35.84
N LEU A 79 6.92 13.95 -36.20
CA LEU A 79 7.18 14.21 -37.62
C LEU A 79 7.61 12.94 -38.34
N GLY A 80 8.44 12.12 -37.71
CA GLY A 80 8.87 10.88 -38.31
C GLY A 80 10.30 10.90 -38.81
N ASN A 81 11.17 11.56 -38.05
CA ASN A 81 12.60 11.55 -38.35
C ASN A 81 13.08 10.12 -38.58
N PRO A 82 13.95 9.88 -39.58
CA PRO A 82 14.39 8.51 -39.89
C PRO A 82 14.99 7.76 -38.71
N GLU A 83 15.50 8.50 -37.72
CA GLU A 83 16.10 7.87 -36.55
C GLU A 83 15.08 7.36 -35.54
N CYS A 84 13.79 7.53 -35.81
CA CYS A 84 12.75 7.23 -34.83
C CYS A 84 11.73 6.20 -35.31
N GLU A 85 12.16 5.26 -36.17
CA GLU A 85 11.27 4.15 -36.53
C GLU A 85 10.96 3.27 -35.32
N SER A 86 11.81 3.32 -34.29
CA SER A 86 11.54 2.60 -33.05
C SER A 86 10.30 3.11 -32.36
N LEU A 87 9.89 4.35 -32.63
CA LEU A 87 8.76 4.98 -31.96
C LEU A 87 7.47 4.91 -32.77
N ALA A 88 7.55 4.50 -34.05
CA ALA A 88 6.36 4.43 -34.89
C ALA A 88 5.32 3.46 -34.32
N THR A 89 5.73 2.54 -33.46
CA THR A 89 4.84 1.56 -32.87
C THR A 89 4.20 2.03 -31.57
N ALA A 90 4.46 3.28 -31.15
CA ALA A 90 3.96 3.76 -29.88
C ALA A 90 2.44 3.97 -29.94
N SER A 91 1.71 3.26 -29.07
CA SER A 91 0.27 3.40 -28.97
C SER A 91 -0.14 4.00 -27.63
N SER A 92 0.12 3.29 -26.52
CA SER A 92 -0.20 3.76 -25.20
C SER A 92 1.07 3.87 -24.37
N TRP A 93 1.02 4.70 -23.33
CA TRP A 93 2.15 4.90 -22.44
C TRP A 93 1.64 5.53 -21.15
N SER A 94 2.53 5.58 -20.15
CA SER A 94 2.22 6.17 -18.85
C SER A 94 2.89 7.52 -18.62
N TYR A 95 4.05 7.74 -19.21
CA TYR A 95 4.67 9.06 -19.26
C TYR A 95 5.64 9.06 -20.43
N ILE A 96 6.07 10.26 -20.82
CA ILE A 96 6.99 10.44 -21.93
C ILE A 96 8.30 10.95 -21.35
N VAL A 97 9.41 10.35 -21.77
CA VAL A 97 10.73 10.67 -21.24
C VAL A 97 11.60 11.20 -22.37
N GLU A 98 12.13 12.40 -22.18
CA GLU A 98 13.20 12.93 -23.02
C GLU A 98 14.49 12.93 -22.23
N THR A 99 15.61 13.01 -22.95
CA THR A 99 16.92 13.08 -22.33
C THR A 99 17.65 14.31 -22.87
N SER A 100 18.74 14.67 -22.20
CA SER A 100 19.57 15.78 -22.68
C SER A 100 20.16 15.50 -24.05
N SER A 101 20.18 14.24 -24.48
CA SER A 101 20.67 13.85 -25.80
C SER A 101 19.56 13.69 -26.84
N SER A 102 18.31 13.97 -26.47
CA SER A 102 17.18 13.85 -27.39
C SER A 102 17.18 15.05 -28.33
N ASN A 103 17.92 14.91 -29.44
CA ASN A 103 18.12 16.01 -30.37
C ASN A 103 17.66 15.72 -31.80
N ASN A 104 17.52 14.46 -32.19
CA ASN A 104 17.07 14.14 -33.55
C ASN A 104 15.60 14.56 -33.69
N GLY A 105 15.42 15.85 -33.94
CA GLY A 105 14.10 16.42 -34.12
C GLY A 105 13.84 16.85 -35.55
N THR A 106 14.00 18.14 -35.83
CA THR A 106 13.80 18.69 -37.19
C THR A 106 15.14 18.71 -37.93
N CYS A 107 15.32 17.77 -38.86
CA CYS A 107 16.57 17.71 -39.62
C CYS A 107 16.67 18.79 -40.69
N TYR A 108 15.55 19.16 -41.32
CA TYR A 108 15.53 20.29 -42.25
C TYR A 108 15.31 21.58 -41.47
N PRO A 109 16.18 22.58 -41.63
CA PRO A 109 16.16 23.74 -40.73
C PRO A 109 14.89 24.57 -40.87
N GLY A 110 14.59 25.30 -39.80
CA GLY A 110 13.42 26.15 -39.75
C GLY A 110 12.97 26.39 -38.32
N ASP A 111 11.89 27.17 -38.21
CA ASP A 111 11.30 27.51 -36.92
C ASP A 111 10.05 26.67 -36.70
N PHE A 112 9.94 26.06 -35.52
CA PHE A 112 8.78 25.26 -35.16
C PHE A 112 7.79 26.15 -34.44
N ILE A 113 6.64 26.38 -35.05
CA ILE A 113 5.68 27.38 -34.59
C ILE A 113 4.88 26.81 -33.42
N ASN A 114 4.90 27.53 -32.29
CA ASN A 114 4.21 27.11 -31.06
C ASN A 114 4.62 25.70 -30.65
N TYR A 115 5.93 25.49 -30.56
CA TYR A 115 6.41 24.16 -30.20
C TYR A 115 6.29 23.92 -28.70
N GLU A 116 6.44 24.96 -27.89
CA GLU A 116 6.26 24.81 -26.46
C GLU A 116 4.80 24.46 -26.12
N GLU A 117 3.85 25.11 -26.78
CA GLU A 117 2.44 24.81 -26.52
C GLU A 117 2.09 23.39 -26.94
N LEU A 118 2.68 22.89 -28.03
CA LEU A 118 2.41 21.52 -28.45
C LEU A 118 2.86 20.52 -27.40
N ARG A 119 3.96 20.81 -26.68
CA ARG A 119 4.44 19.87 -25.66
C ARG A 119 3.48 19.80 -24.49
N GLU A 120 2.83 20.92 -24.15
CA GLU A 120 1.88 20.93 -23.05
C GLU A 120 0.61 20.19 -23.40
N GLN A 121 0.21 20.23 -24.68
CA GLN A 121 -0.95 19.47 -25.11
C GLN A 121 -0.74 17.98 -24.96
N LEU A 122 0.50 17.51 -25.16
CA LEU A 122 0.79 16.08 -25.14
C LEU A 122 1.02 15.54 -23.73
N SER A 123 1.32 16.39 -22.76
CA SER A 123 1.52 15.89 -21.41
C SER A 123 0.23 15.41 -20.77
N SER A 124 -0.92 15.69 -21.38
CA SER A 124 -2.20 15.11 -20.95
C SER A 124 -2.71 14.09 -21.97
N VAL A 125 -1.81 13.33 -22.59
CA VAL A 125 -2.17 12.36 -23.60
C VAL A 125 -1.58 11.00 -23.21
N SER A 126 -2.47 10.02 -23.01
CA SER A 126 -2.06 8.69 -22.62
C SER A 126 -1.81 7.77 -23.81
N SER A 127 -2.50 8.03 -24.92
CA SER A 127 -2.46 7.16 -26.08
C SER A 127 -3.12 7.90 -27.24
N PHE A 128 -2.78 7.48 -28.46
CA PHE A 128 -3.48 8.00 -29.63
C PHE A 128 -3.76 6.88 -30.62
N GLU A 129 -4.57 7.21 -31.62
CA GLU A 129 -4.85 6.34 -32.76
C GLU A 129 -4.16 6.95 -33.97
N LYS A 130 -3.13 6.27 -34.47
CA LYS A 130 -2.38 6.72 -35.64
C LYS A 130 -2.98 6.10 -36.90
N PHE A 131 -3.53 6.94 -37.77
CA PHE A 131 -4.03 6.50 -39.06
C PHE A 131 -3.52 7.42 -40.15
N GLU A 132 -3.60 6.96 -41.41
CA GLU A 132 -3.22 7.79 -42.54
C GLU A 132 -4.44 8.60 -42.97
N ILE A 133 -4.45 9.88 -42.59
CA ILE A 133 -5.58 10.74 -42.92
C ILE A 133 -5.70 10.92 -44.43
N PHE A 134 -4.57 10.97 -45.13
CA PHE A 134 -4.52 10.99 -46.60
C PHE A 134 -3.61 9.86 -47.05
N PRO A 135 -4.16 8.74 -47.53
CA PRO A 135 -3.32 7.62 -47.97
C PRO A 135 -2.27 8.07 -48.99
N LYS A 136 -1.12 7.38 -48.95
CA LYS A 136 0.04 7.81 -49.73
C LYS A 136 -0.28 7.88 -51.21
N THR A 137 -0.84 6.81 -51.77
CA THR A 137 -1.12 6.74 -53.19
C THR A 137 -2.58 7.03 -53.53
N SER A 138 -3.50 6.69 -52.62
CA SER A 138 -4.92 6.85 -52.92
C SER A 138 -5.35 8.31 -52.96
N SER A 139 -4.72 9.18 -52.17
CA SER A 139 -5.19 10.56 -52.06
C SER A 139 -4.67 11.44 -53.19
N TRP A 140 -3.44 11.20 -53.65
CA TRP A 140 -2.79 12.07 -54.62
C TRP A 140 -2.66 11.34 -55.96
N PRO A 141 -3.48 11.68 -56.96
CA PRO A 141 -3.44 10.95 -58.22
C PRO A 141 -2.42 11.54 -59.21
N ASN A 142 -2.51 12.85 -59.46
CA ASN A 142 -1.65 13.49 -60.44
C ASN A 142 -0.62 14.40 -59.79
N HIS A 143 0.11 13.89 -58.81
CA HIS A 143 1.11 14.66 -58.10
C HIS A 143 2.34 13.81 -57.84
N GLU A 144 3.52 14.40 -58.03
CA GLU A 144 4.78 13.70 -57.83
C GLU A 144 5.04 13.52 -56.34
N THR A 145 4.96 12.28 -55.85
CA THR A 145 5.09 11.98 -54.44
C THR A 145 6.51 11.56 -54.06
N ASN A 146 7.01 10.46 -54.65
CA ASN A 146 8.23 9.80 -54.16
C ASN A 146 9.52 10.46 -54.64
N LYS A 147 9.50 11.76 -54.94
CA LYS A 147 10.70 12.45 -55.40
C LYS A 147 11.20 13.49 -54.38
N GLY A 148 10.79 13.38 -53.12
CA GLY A 148 11.06 14.43 -52.17
C GLY A 148 11.87 14.07 -50.95
N VAL A 149 12.96 13.32 -51.15
CA VAL A 149 13.90 13.07 -50.07
C VAL A 149 14.89 14.23 -50.05
N THR A 150 15.89 14.15 -49.17
CA THR A 150 16.89 15.20 -49.10
C THR A 150 18.08 14.68 -48.29
N ALA A 151 19.24 15.31 -48.53
CA ALA A 151 20.45 14.92 -47.82
C ALA A 151 20.44 15.39 -46.38
N ALA A 152 19.69 16.46 -46.08
CA ALA A 152 19.62 16.97 -44.71
C ALA A 152 19.05 15.92 -43.76
N CYS A 153 18.06 15.15 -44.22
CA CYS A 153 17.46 14.06 -43.46
C CYS A 153 17.93 12.74 -44.05
N PRO A 154 19.10 12.22 -43.63
CA PRO A 154 19.63 11.02 -44.26
C PRO A 154 19.09 9.74 -43.66
N HIS A 155 19.64 8.61 -44.08
CA HIS A 155 19.25 7.30 -43.56
C HIS A 155 20.22 6.24 -44.06
N ALA A 156 21.36 6.11 -43.37
CA ALA A 156 22.42 5.17 -43.75
C ALA A 156 22.93 5.46 -45.16
N GLY A 157 23.52 6.65 -45.31
CA GLY A 157 24.05 7.06 -46.60
C GLY A 157 23.06 7.67 -47.57
N THR A 158 21.95 6.98 -47.83
CA THR A 158 20.95 7.48 -48.76
C THR A 158 20.19 8.65 -48.14
N ASN A 159 19.30 9.23 -48.95
CA ASN A 159 18.46 10.34 -48.52
C ASN A 159 17.05 9.86 -48.21
N SER A 160 16.44 10.45 -47.19
CA SER A 160 15.10 10.06 -46.76
C SER A 160 14.38 11.34 -46.31
N PHE A 161 13.34 11.16 -45.51
CA PHE A 161 12.49 12.28 -45.11
C PHE A 161 11.63 11.83 -43.95
N TYR A 162 10.85 12.78 -43.41
CA TYR A 162 9.92 12.48 -42.34
C TYR A 162 8.92 11.41 -42.78
N LYS A 163 8.65 10.46 -41.89
CA LYS A 163 7.80 9.33 -42.24
C LYS A 163 6.32 9.69 -42.27
N ASN A 164 5.91 10.79 -41.63
CA ASN A 164 4.51 11.12 -41.48
C ASN A 164 4.04 12.29 -42.32
N LEU A 165 4.93 13.19 -42.71
CA LEU A 165 4.64 14.21 -43.72
C LEU A 165 5.20 13.75 -45.06
N ILE A 166 4.71 14.34 -46.14
CA ILE A 166 5.12 13.97 -47.48
C ILE A 166 5.39 15.23 -48.30
N TRP A 167 6.52 15.23 -49.01
CA TRP A 167 7.02 16.41 -49.72
C TRP A 167 6.65 16.28 -51.20
N LEU A 168 5.59 16.97 -51.62
CA LEU A 168 5.08 16.88 -52.99
C LEU A 168 5.80 17.88 -53.90
N VAL A 169 6.08 17.44 -55.13
CA VAL A 169 6.79 18.24 -56.12
C VAL A 169 6.08 18.13 -57.47
N LYS A 170 6.65 18.81 -58.48
CA LYS A 170 6.00 18.94 -59.79
C LYS A 170 6.01 17.61 -60.54
N LYS A 171 4.92 17.37 -61.26
CA LYS A 171 4.76 16.17 -62.09
C LYS A 171 4.89 16.60 -63.55
N GLU A 172 6.11 16.48 -64.09
CA GLU A 172 6.42 16.86 -65.47
C GLU A 172 6.04 18.32 -65.73
N ASN A 173 6.65 19.20 -64.95
CA ASN A 173 6.43 20.65 -65.02
C ASN A 173 4.97 21.03 -64.81
N SER A 174 4.20 20.17 -64.14
CA SER A 174 2.80 20.42 -63.86
C SER A 174 2.52 20.13 -62.39
N TYR A 175 1.87 21.08 -61.71
CA TYR A 175 1.49 20.94 -60.31
C TYR A 175 0.08 21.50 -60.14
N PRO A 176 -0.94 20.65 -60.25
CA PRO A 176 -2.32 21.14 -60.13
C PRO A 176 -2.65 21.61 -58.71
N LYS A 177 -3.56 22.57 -58.65
CA LYS A 177 -3.97 23.14 -57.37
C LYS A 177 -4.77 22.13 -56.57
N ILE A 178 -4.39 21.94 -55.33
CA ILE A 178 -4.99 20.92 -54.47
C ILE A 178 -6.15 21.52 -53.70
N ASN A 179 -7.18 20.71 -53.48
CA ASN A 179 -8.34 21.14 -52.71
C ASN A 179 -8.91 19.94 -51.97
N ILE A 180 -8.06 19.23 -51.24
CA ILE A 180 -8.44 18.04 -50.50
C ILE A 180 -8.87 18.44 -49.09
N SER A 181 -9.80 17.68 -48.52
CA SER A 181 -10.30 17.96 -47.18
C SER A 181 -10.60 16.66 -46.47
N TYR A 182 -10.74 16.75 -45.15
CA TYR A 182 -11.01 15.60 -44.29
C TYR A 182 -11.96 16.04 -43.20
N THR A 183 -13.09 15.33 -43.07
CA THR A 183 -14.01 15.53 -41.97
C THR A 183 -13.66 14.57 -40.85
N ASN A 184 -13.69 15.08 -39.61
CA ASN A 184 -13.26 14.30 -38.44
C ASN A 184 -14.39 13.40 -37.97
N ASN A 185 -14.44 12.19 -38.54
CA ASN A 185 -15.36 11.15 -38.13
C ASN A 185 -14.61 10.10 -37.33
N ARG A 186 -14.09 10.52 -36.16
CA ARG A 186 -13.31 9.65 -35.29
C ARG A 186 -13.73 9.66 -33.83
N GLY A 187 -14.48 10.66 -33.38
CA GLY A 187 -14.89 10.74 -31.99
C GLY A 187 -13.88 11.37 -31.06
N LYS A 188 -12.60 11.36 -31.40
CA LYS A 188 -11.57 11.99 -30.60
C LYS A 188 -10.90 13.08 -31.43
N GLU A 189 -10.30 14.05 -30.72
CA GLU A 189 -9.62 15.13 -31.41
C GLU A 189 -8.41 14.60 -32.19
N VAL A 190 -8.18 15.18 -33.36
CA VAL A 190 -7.17 14.70 -34.30
C VAL A 190 -6.04 15.72 -34.36
N LEU A 191 -4.85 15.29 -33.94
CA LEU A 191 -3.66 16.11 -34.09
C LEU A 191 -3.13 16.00 -35.52
N VAL A 192 -2.89 17.13 -36.16
CA VAL A 192 -2.48 17.20 -37.55
C VAL A 192 -1.30 18.16 -37.68
N LEU A 193 -0.23 17.70 -38.33
CA LEU A 193 0.96 18.51 -38.56
C LEU A 193 1.21 18.66 -40.06
N TRP A 194 1.96 19.71 -40.40
CA TRP A 194 2.39 19.95 -41.78
C TRP A 194 3.52 20.98 -41.72
N ALA A 195 4.07 21.29 -42.90
CA ALA A 195 5.22 22.18 -42.99
C ALA A 195 5.08 23.09 -44.19
N ILE A 196 5.97 24.09 -44.26
CA ILE A 196 5.99 25.07 -45.34
C ILE A 196 7.44 25.26 -45.77
N HIS A 197 7.71 25.11 -47.06
CA HIS A 197 9.06 25.16 -47.60
C HIS A 197 9.32 26.51 -48.26
N HIS A 198 10.48 27.10 -47.95
CA HIS A 198 10.92 28.38 -48.50
C HIS A 198 12.26 28.17 -49.21
N PRO A 199 12.25 27.89 -50.52
CA PRO A 199 13.52 27.69 -51.22
C PRO A 199 14.32 28.98 -51.29
N PRO A 200 15.64 28.89 -51.32
CA PRO A 200 16.45 30.13 -51.37
C PRO A 200 16.39 30.86 -52.70
N THR A 201 16.29 30.12 -53.81
CA THR A 201 16.31 30.70 -55.15
C THR A 201 14.95 30.54 -55.82
N SER A 202 14.50 31.60 -56.50
CA SER A 202 13.22 31.57 -57.20
C SER A 202 13.21 30.56 -58.34
N THR A 203 14.39 30.13 -58.81
CA THR A 203 14.43 29.09 -59.84
C THR A 203 14.00 27.74 -59.28
N ASP A 204 14.41 27.42 -58.05
CA ASP A 204 14.05 26.15 -57.45
C ASP A 204 12.56 26.07 -57.11
N GLN A 205 11.87 27.21 -57.07
CA GLN A 205 10.43 27.19 -56.86
C GLN A 205 9.71 26.58 -58.05
N GLN A 206 10.08 27.01 -59.27
CA GLN A 206 9.53 26.42 -60.48
C GLN A 206 10.20 25.10 -60.84
N SER A 207 11.39 24.83 -60.29
CA SER A 207 12.03 23.54 -60.51
C SER A 207 11.30 22.42 -59.78
N LEU A 208 10.78 22.71 -58.58
CA LEU A 208 10.09 21.71 -57.77
C LEU A 208 8.57 21.83 -57.78
N TYR A 209 8.02 23.00 -58.08
CA TYR A 209 6.57 23.20 -58.09
C TYR A 209 6.02 23.75 -59.40
N GLN A 210 6.89 24.15 -60.35
CA GLN A 210 6.49 24.48 -61.71
C GLN A 210 5.69 25.78 -61.80
N ASN A 211 5.33 26.38 -60.66
CA ASN A 211 4.48 27.57 -60.63
C ASN A 211 5.28 28.78 -60.20
N ALA A 212 4.83 29.95 -60.66
CA ALA A 212 5.54 31.21 -60.49
C ALA A 212 5.62 31.63 -59.02
N ASN A 213 4.55 32.25 -58.52
CA ASN A 213 4.47 32.71 -57.13
C ASN A 213 3.32 31.96 -56.46
N SER A 214 3.65 30.97 -55.65
CA SER A 214 2.67 30.03 -55.13
C SER A 214 1.99 30.56 -53.86
N TYR A 215 0.91 29.89 -53.47
CA TYR A 215 0.17 30.22 -52.25
C TYR A 215 -0.33 28.93 -51.59
N VAL A 216 -0.51 28.99 -50.27
CA VAL A 216 -1.01 27.86 -49.48
C VAL A 216 -2.02 28.39 -48.48
N PHE A 217 -3.12 27.64 -48.30
CA PHE A 217 -4.13 27.96 -47.29
C PHE A 217 -4.49 26.70 -46.52
N VAL A 218 -4.54 26.81 -45.20
CA VAL A 218 -5.02 25.75 -44.32
C VAL A 218 -6.20 26.31 -43.53
N GLY A 219 -7.22 25.48 -43.33
CA GLY A 219 -8.44 25.99 -42.74
C GLY A 219 -9.20 25.04 -41.83
N SER A 220 -9.67 25.59 -40.71
CA SER A 220 -10.58 24.91 -39.81
C SER A 220 -11.45 25.95 -39.12
N SER A 221 -11.85 25.70 -37.87
CA SER A 221 -12.56 26.68 -37.09
C SER A 221 -11.66 27.39 -36.07
N ARG A 222 -10.67 26.68 -35.52
CA ARG A 222 -9.70 27.27 -34.61
C ARG A 222 -8.43 27.71 -35.33
N TYR A 223 -8.41 27.70 -36.66
CA TYR A 223 -7.24 28.10 -37.43
C TYR A 223 -7.66 28.63 -38.78
N SER A 224 -6.97 29.67 -39.25
CA SER A 224 -7.23 30.27 -40.55
C SER A 224 -6.06 31.18 -40.87
N ARG A 225 -5.29 30.84 -41.92
CA ARG A 225 -4.11 31.60 -42.27
C ARG A 225 -3.69 31.26 -43.70
N LYS A 226 -3.03 32.23 -44.35
CA LYS A 226 -2.46 32.03 -45.68
C LYS A 226 -0.97 32.39 -45.65
N PHE A 227 -0.19 31.67 -46.45
CA PHE A 227 1.26 31.78 -46.46
C PHE A 227 1.75 32.24 -47.83
N GLU A 228 2.72 33.15 -47.83
CA GLU A 228 3.38 33.60 -49.06
C GLU A 228 4.86 33.26 -48.96
N PRO A 229 5.34 32.24 -49.66
CA PRO A 229 6.72 31.78 -49.47
C PRO A 229 7.74 32.87 -49.73
N GLU A 230 8.64 33.05 -48.77
CA GLU A 230 9.69 34.07 -48.85
C GLU A 230 10.98 33.44 -49.39
N ILE A 231 11.54 34.07 -50.42
CA ILE A 231 12.75 33.58 -51.09
C ILE A 231 13.89 34.54 -50.76
N ALA A 232 14.95 34.02 -50.17
CA ALA A 232 16.10 34.84 -49.79
C ALA A 232 17.32 33.94 -49.62
N THR A 233 18.50 34.58 -49.59
CA THR A 233 19.77 33.87 -49.46
C THR A 233 20.07 33.65 -47.98
N ARG A 234 19.40 32.65 -47.41
CA ARG A 234 19.64 32.30 -46.02
C ARG A 234 20.91 31.45 -45.89
N PRO A 235 21.58 31.52 -44.74
CA PRO A 235 22.77 30.69 -44.54
C PRO A 235 22.43 29.21 -44.54
N LYS A 236 23.45 28.41 -44.84
CA LYS A 236 23.30 26.96 -44.93
C LYS A 236 23.45 26.33 -43.55
N VAL A 237 22.55 25.40 -43.24
CA VAL A 237 22.54 24.71 -41.95
C VAL A 237 22.98 23.27 -42.14
N ARG A 238 22.10 22.45 -42.72
CA ARG A 238 22.38 21.06 -43.04
C ARG A 238 22.71 20.87 -44.51
N GLY A 239 23.20 21.91 -45.16
CA GLY A 239 23.43 21.92 -46.59
C GLY A 239 22.35 22.62 -47.39
N GLN A 240 21.16 22.78 -46.82
CA GLN A 240 20.06 23.46 -47.47
C GLN A 240 19.98 24.89 -46.98
N ALA A 241 19.98 25.84 -47.90
CA ALA A 241 19.75 27.23 -47.55
C ALA A 241 18.28 27.53 -47.28
N GLY A 242 17.38 26.71 -47.81
CA GLY A 242 15.96 26.91 -47.57
C GLY A 242 15.56 26.57 -46.15
N ARG A 243 14.39 27.05 -45.76
CA ARG A 243 13.83 26.81 -44.44
C ARG A 243 12.51 26.08 -44.58
N MET A 244 12.22 25.19 -43.63
CA MET A 244 10.92 24.55 -43.53
C MET A 244 10.32 24.91 -42.18
N ASN A 245 9.13 25.49 -42.20
CA ASN A 245 8.47 25.98 -40.99
C ASN A 245 7.27 25.09 -40.71
N TYR A 246 7.26 24.46 -39.53
CA TYR A 246 6.35 23.38 -39.20
C TYR A 246 5.18 23.88 -38.37
N TYR A 247 3.99 23.32 -38.62
CA TYR A 247 2.76 23.79 -38.01
C TYR A 247 1.93 22.61 -37.52
N TRP A 248 1.00 22.91 -36.61
CA TRP A 248 0.10 21.90 -36.09
C TRP A 248 -1.19 22.56 -35.66
N THR A 249 -2.28 21.79 -35.66
CA THR A 249 -3.55 22.29 -35.14
C THR A 249 -4.39 21.09 -34.73
N LEU A 250 -5.21 21.30 -33.71
CA LEU A 250 -6.12 20.26 -33.24
C LEU A 250 -7.46 20.40 -33.95
N VAL A 251 -7.95 19.31 -34.54
CA VAL A 251 -9.21 19.27 -35.26
C VAL A 251 -10.27 18.75 -34.30
N GLU A 252 -11.18 19.62 -33.88
CA GLU A 252 -12.23 19.22 -32.95
C GLU A 252 -13.17 18.21 -33.61
N PRO A 253 -13.79 17.32 -32.82
CA PRO A 253 -14.62 16.26 -33.41
C PRO A 253 -15.78 16.84 -34.21
N GLY A 254 -15.94 16.33 -35.44
CA GLY A 254 -16.99 16.76 -36.34
C GLY A 254 -16.58 17.85 -37.32
N ASP A 255 -15.53 18.59 -37.04
CA ASP A 255 -15.06 19.64 -37.93
C ASP A 255 -14.22 19.05 -39.05
N LYS A 256 -14.02 19.85 -40.10
CA LYS A 256 -13.23 19.46 -41.25
C LYS A 256 -12.05 20.40 -41.40
N ILE A 257 -10.91 19.85 -41.80
CA ILE A 257 -9.74 20.64 -42.14
C ILE A 257 -9.65 20.71 -43.65
N THR A 258 -8.96 21.74 -44.15
CA THR A 258 -8.85 21.96 -45.59
C THR A 258 -7.45 22.45 -45.93
N PHE A 259 -6.84 21.84 -46.94
CA PHE A 259 -5.56 22.28 -47.48
C PHE A 259 -5.75 22.64 -48.94
N GLU A 260 -5.48 23.90 -49.28
CA GLU A 260 -5.57 24.39 -50.65
C GLU A 260 -4.24 25.04 -50.99
N ALA A 261 -3.52 24.48 -51.96
CA ALA A 261 -2.16 24.95 -52.26
C ALA A 261 -1.83 24.71 -53.73
N THR A 262 -0.77 25.38 -54.18
CA THR A 262 -0.22 25.26 -55.52
C THR A 262 1.26 24.97 -55.47
N GLY A 263 1.67 24.10 -54.56
CA GLY A 263 3.06 23.84 -54.28
C GLY A 263 3.48 24.40 -52.92
N ASN A 264 4.66 23.96 -52.49
CA ASN A 264 5.33 24.37 -51.25
C ASN A 264 4.72 23.72 -50.01
N LEU A 265 3.52 23.15 -50.14
CA LEU A 265 2.85 22.52 -49.01
C LEU A 265 3.38 21.11 -48.78
N VAL A 266 3.95 20.87 -47.60
CA VAL A 266 4.36 19.53 -47.20
C VAL A 266 3.15 18.86 -46.58
N VAL A 267 2.47 18.03 -47.35
CA VAL A 267 1.20 17.43 -46.95
C VAL A 267 1.42 16.45 -45.81
N PRO A 268 0.41 16.19 -45.00
CA PRO A 268 0.50 15.10 -44.03
C PRO A 268 -0.01 13.78 -44.60
N ARG A 269 0.60 12.70 -44.14
CA ARG A 269 0.07 11.37 -44.39
C ARG A 269 -0.67 10.81 -43.19
N TYR A 270 -0.02 10.79 -42.02
CA TYR A 270 -0.58 10.20 -40.82
C TYR A 270 -0.91 11.27 -39.78
N ALA A 271 -2.09 11.17 -39.19
CA ALA A 271 -2.55 12.03 -38.09
C ALA A 271 -2.74 11.18 -36.83
N PHE A 272 -3.19 11.83 -35.76
CA PHE A 272 -3.28 11.20 -34.45
C PHE A 272 -4.60 11.57 -33.79
N ALA A 273 -5.39 10.56 -33.41
CA ALA A 273 -6.61 10.75 -32.65
C ALA A 273 -6.32 10.44 -31.19
N LEU A 274 -6.46 11.46 -30.33
CA LEU A 274 -5.87 11.44 -29.00
C LEU A 274 -6.89 11.04 -27.93
N LYS A 275 -6.42 10.26 -26.96
CA LYS A 275 -7.15 9.98 -25.73
C LYS A 275 -6.42 10.65 -24.57
N ARG A 276 -7.15 11.45 -23.81
CA ARG A 276 -6.55 12.24 -22.74
C ARG A 276 -6.55 11.45 -21.44
N ASN A 277 -5.56 11.74 -20.58
CA ASN A 277 -5.51 11.17 -19.24
C ASN A 277 -4.65 12.11 -18.39
N SER A 278 -5.29 13.12 -17.79
CA SER A 278 -4.61 13.93 -16.80
C SER A 278 -4.11 13.04 -15.67
N GLY A 279 -2.88 13.29 -15.25
CA GLY A 279 -2.11 12.33 -14.49
C GLY A 279 -0.96 11.73 -15.27
N SER A 280 -0.59 12.34 -16.39
CA SER A 280 0.54 11.95 -17.21
C SER A 280 1.38 13.19 -17.45
N GLY A 281 2.52 13.02 -18.11
CA GLY A 281 3.35 14.18 -18.42
C GLY A 281 4.64 13.79 -19.09
N ILE A 282 5.49 14.80 -19.27
CA ILE A 282 6.80 14.64 -19.89
C ILE A 282 7.85 14.98 -18.85
N ILE A 283 8.84 14.11 -18.70
CA ILE A 283 9.93 14.34 -17.76
C ILE A 283 11.24 14.27 -18.51
N ILE A 284 12.24 14.95 -17.97
CA ILE A 284 13.57 14.97 -18.56
C ILE A 284 14.52 14.27 -17.59
N SER A 285 15.05 13.14 -18.00
CA SER A 285 15.92 12.34 -17.14
C SER A 285 16.96 11.61 -17.99
N GLU A 286 18.14 11.43 -17.41
CA GLU A 286 19.14 10.54 -17.98
C GLU A 286 19.07 9.14 -17.40
N THR A 287 18.17 8.88 -16.47
CA THR A 287 18.17 7.55 -15.87
C THR A 287 17.46 6.56 -16.80
N PRO A 288 17.86 5.29 -16.76
CA PRO A 288 17.36 4.31 -17.73
C PRO A 288 16.04 3.68 -17.30
N VAL A 289 15.47 2.92 -18.24
CA VAL A 289 14.19 2.26 -18.06
C VAL A 289 14.43 0.81 -17.66
N HIS A 290 13.58 0.27 -16.81
CA HIS A 290 13.64 -1.11 -16.36
C HIS A 290 12.26 -1.75 -16.42
N ASP A 291 12.22 -3.07 -16.19
CA ASP A 291 10.98 -3.82 -16.07
C ASP A 291 10.42 -3.78 -14.64
N CYS A 292 10.64 -2.69 -13.91
CA CYS A 292 10.04 -2.51 -12.61
C CYS A 292 8.64 -1.91 -12.76
N ASP A 293 7.85 -2.02 -11.70
CA ASP A 293 6.50 -1.46 -11.67
C ASP A 293 6.32 -0.70 -10.37
N THR A 294 6.08 0.60 -10.47
CA THR A 294 5.90 1.43 -9.30
C THR A 294 4.58 2.19 -9.42
N THR A 295 4.22 2.86 -8.32
CA THR A 295 3.05 3.73 -8.29
C THR A 295 3.42 5.20 -8.18
N CYS A 296 4.71 5.53 -8.03
CA CYS A 296 5.18 6.90 -7.92
C CYS A 296 6.54 7.00 -8.59
N GLN A 297 6.69 7.93 -9.53
CA GLN A 297 7.90 8.04 -10.35
C GLN A 297 8.44 9.47 -10.29
N THR A 298 9.76 9.60 -10.10
CA THR A 298 10.48 10.85 -10.26
C THR A 298 11.58 10.67 -11.29
N PRO A 299 12.12 11.76 -11.84
CA PRO A 299 13.17 11.62 -12.87
C PRO A 299 14.47 11.03 -12.34
N ASN A 300 14.69 11.01 -11.03
CA ASN A 300 15.86 10.34 -10.48
C ASN A 300 15.62 8.86 -10.21
N GLY A 301 14.38 8.43 -10.18
CA GLY A 301 14.04 7.07 -9.84
C GLY A 301 12.66 7.00 -9.22
N ALA A 302 12.22 5.77 -8.99
CA ALA A 302 10.89 5.48 -8.47
C ALA A 302 10.90 5.35 -6.96
N ILE A 303 9.80 5.78 -6.33
CA ILE A 303 9.68 5.82 -4.87
C ILE A 303 8.71 4.73 -4.42
N ASN A 304 9.09 3.99 -3.37
CA ASN A 304 8.35 2.83 -2.86
C ASN A 304 8.12 3.05 -1.36
N THR A 305 7.06 3.76 -1.01
CA THR A 305 6.94 4.28 0.35
C THR A 305 5.50 4.62 0.66
N SER A 306 5.19 4.67 1.96
CA SER A 306 3.89 5.12 2.44
C SER A 306 4.01 6.39 3.28
N LEU A 307 5.17 7.04 3.27
CA LEU A 307 5.40 8.23 4.08
C LEU A 307 4.79 9.46 3.41
N PRO A 308 4.46 10.50 4.18
CA PRO A 308 3.80 11.67 3.60
C PRO A 308 4.72 12.68 2.93
N PHE A 309 6.04 12.59 3.11
CA PHE A 309 6.97 13.56 2.53
C PHE A 309 8.10 12.85 1.81
N GLN A 310 8.68 13.54 0.83
CA GLN A 310 9.92 13.08 0.19
C GLN A 310 10.75 14.29 -0.17
N ASN A 311 12.07 14.11 -0.19
CA ASN A 311 12.98 15.15 -0.64
C ASN A 311 13.76 14.75 -1.88
N ILE A 312 13.26 13.76 -2.62
CA ILE A 312 13.99 13.23 -3.76
C ILE A 312 13.87 14.14 -4.98
N HIS A 313 12.67 14.61 -5.28
CA HIS A 313 12.50 15.43 -6.48
C HIS A 313 11.11 16.07 -6.51
N PRO A 314 11.00 17.35 -6.86
CA PRO A 314 9.67 17.97 -6.93
C PRO A 314 8.85 17.55 -8.14
N VAL A 315 9.47 17.06 -9.22
CA VAL A 315 8.72 16.51 -10.34
C VAL A 315 8.32 15.08 -10.01
N THR A 316 7.02 14.78 -10.06
CA THR A 316 6.52 13.45 -9.73
C THR A 316 5.42 13.04 -10.70
N ILE A 317 5.35 11.74 -10.97
CA ILE A 317 4.27 11.13 -11.75
C ILE A 317 3.62 10.06 -10.89
N GLY A 318 2.29 10.09 -10.79
CA GLY A 318 1.59 9.07 -10.02
C GLY A 318 1.00 9.58 -8.72
N GLU A 319 1.11 8.77 -7.66
CA GLU A 319 0.64 9.13 -6.33
C GLU A 319 1.85 9.16 -5.39
N CYS A 320 2.38 10.35 -5.15
CA CYS A 320 3.65 10.48 -4.47
C CYS A 320 3.49 11.23 -3.15
N PRO A 321 4.51 11.20 -2.29
CA PRO A 321 4.51 12.10 -1.13
C PRO A 321 4.74 13.54 -1.57
N LYS A 322 4.41 14.45 -0.67
CA LYS A 322 4.65 15.88 -0.92
C LYS A 322 6.15 16.16 -0.89
N TYR A 323 6.62 16.97 -1.83
CA TYR A 323 8.03 17.31 -1.86
C TYR A 323 8.32 18.42 -0.85
N VAL A 324 9.40 18.24 -0.07
CA VAL A 324 9.91 19.28 0.82
C VAL A 324 11.43 19.27 0.69
N LYS A 325 12.04 20.41 1.01
CA LYS A 325 13.50 20.53 1.00
C LYS A 325 14.15 20.02 2.27
N SER A 326 13.36 19.51 3.22
CA SER A 326 13.90 19.10 4.51
C SER A 326 14.91 17.96 4.35
N THR A 327 15.82 17.87 5.33
CA THR A 327 16.74 16.75 5.42
C THR A 327 16.39 15.80 6.55
N LYS A 328 15.64 16.24 7.55
CA LYS A 328 15.19 15.42 8.66
C LYS A 328 13.76 15.82 9.02
N LEU A 329 12.88 14.83 9.24
CA LEU A 329 11.51 15.07 9.71
C LEU A 329 11.09 13.86 10.55
N ARG A 330 11.57 13.82 11.79
CA ARG A 330 11.27 12.74 12.71
C ARG A 330 10.32 13.24 13.78
N MET A 331 9.28 12.48 14.05
CA MET A 331 8.19 12.89 14.93
C MET A 331 8.17 11.98 16.15
N ALA A 332 8.35 12.57 17.33
CA ALA A 332 8.31 11.81 18.56
C ALA A 332 6.94 11.16 18.75
N THR A 333 6.95 9.87 19.09
CA THR A 333 5.76 9.21 19.61
C THR A 333 5.87 8.87 21.09
N GLY A 334 7.08 8.57 21.55
CA GLY A 334 7.32 8.24 22.93
C GLY A 334 7.81 9.43 23.73
N LEU A 335 8.40 9.13 24.87
CA LEU A 335 8.83 10.11 25.86
C LEU A 335 10.35 10.27 25.84
N ARG A 336 10.84 11.21 26.64
CA ARG A 336 12.27 11.43 26.77
C ARG A 336 12.95 10.19 27.34
N ASN A 337 13.98 9.70 26.65
CA ASN A 337 14.62 8.44 27.01
C ASN A 337 15.75 8.70 28.01
N ILE A 338 15.58 8.21 29.22
CA ILE A 338 16.60 8.41 30.25
C ILE A 338 16.93 7.08 30.90
N PRO A 339 17.74 6.22 30.26
CA PRO A 339 17.96 4.88 30.80
C PRO A 339 18.94 4.83 31.96
N SER A 340 20.02 5.59 31.92
CA SER A 340 21.01 5.57 33.00
C SER A 340 21.11 6.94 33.65
N ILE A 341 21.09 6.97 34.97
CA ILE A 341 21.17 8.24 35.70
C ILE A 341 22.34 8.19 36.68
N GLY B 345 10.67 19.19 31.70
CA GLY B 345 9.31 19.11 31.22
C GLY B 345 8.42 20.07 31.98
N LEU B 346 7.33 20.50 31.34
CA LEU B 346 6.47 21.50 31.96
C LEU B 346 5.80 21.01 33.23
N PHE B 347 5.82 19.70 33.50
CA PHE B 347 5.09 19.18 34.65
C PHE B 347 6.02 18.65 35.74
N GLY B 348 7.33 18.81 35.59
CA GLY B 348 8.28 18.53 36.63
C GLY B 348 8.48 17.07 36.97
N ALA B 349 7.89 16.14 36.21
CA ALA B 349 8.02 14.73 36.56
C ALA B 349 9.15 14.07 35.79
N ILE B 350 8.99 13.92 34.47
CA ILE B 350 10.03 13.31 33.64
C ILE B 350 11.27 14.20 33.67
N ALA B 351 12.41 13.59 33.95
CA ALA B 351 13.66 14.30 34.21
C ALA B 351 13.48 15.36 35.29
N GLY B 352 12.47 15.17 36.13
CA GLY B 352 12.17 16.06 37.22
C GLY B 352 12.33 15.37 38.57
N PHE B 353 11.27 15.33 39.38
CA PHE B 353 11.40 14.70 40.69
C PHE B 353 11.48 13.19 40.56
N ILE B 354 11.10 12.63 39.42
CA ILE B 354 11.42 11.24 39.09
C ILE B 354 12.64 11.31 38.17
N GLU B 355 13.81 11.03 38.76
CA GLU B 355 15.09 11.40 38.16
C GLU B 355 15.36 10.73 36.81
N GLY B 356 14.73 9.59 36.53
CA GLY B 356 15.09 8.86 35.33
C GLY B 356 14.07 7.79 34.95
N GLY B 357 14.40 7.02 33.92
CA GLY B 357 13.50 6.04 33.36
C GLY B 357 13.90 4.61 33.72
N TRP B 358 13.04 3.68 33.30
CA TRP B 358 13.15 2.27 33.67
C TRP B 358 13.29 1.42 32.41
N THR B 359 14.51 0.96 32.12
CA THR B 359 14.61 0.00 31.02
C THR B 359 13.96 -1.33 31.36
N GLY B 360 13.70 -1.62 32.63
CA GLY B 360 13.09 -2.87 33.02
C GLY B 360 11.58 -2.91 33.03
N MET B 361 10.90 -1.80 32.71
CA MET B 361 9.44 -1.82 32.54
C MET B 361 9.15 -1.84 31.05
N ILE B 362 8.90 -3.03 30.51
CA ILE B 362 8.88 -3.19 29.07
C ILE B 362 7.49 -3.15 28.45
N ASP B 363 6.44 -3.26 29.25
CA ASP B 363 5.10 -3.48 28.72
C ASP B 363 4.27 -2.19 28.65
N GLY B 364 4.91 -1.03 28.64
CA GLY B 364 4.15 0.20 28.63
C GLY B 364 5.03 1.38 28.93
N TRP B 365 4.40 2.56 28.93
CA TRP B 365 5.09 3.84 29.03
C TRP B 365 5.20 4.34 30.46
N TYR B 366 4.18 4.09 31.28
CA TYR B 366 4.18 4.52 32.67
C TYR B 366 3.68 3.37 33.53
N GLY B 367 4.19 3.30 34.75
CA GLY B 367 3.85 2.17 35.59
C GLY B 367 4.52 2.24 36.94
N TYR B 368 4.68 1.08 37.55
CA TYR B 368 5.05 0.95 38.95
C TYR B 368 6.26 0.04 39.11
N HIS B 369 7.02 0.29 40.16
CA HIS B 369 7.99 -0.68 40.66
C HIS B 369 7.74 -0.84 42.15
N HIS B 370 7.47 -2.07 42.57
CA HIS B 370 7.10 -2.36 43.95
C HIS B 370 8.19 -3.19 44.60
N GLN B 371 8.13 -3.28 45.91
CA GLN B 371 9.20 -3.87 46.69
C GLN B 371 8.63 -4.18 48.06
N ASN B 372 8.38 -5.47 48.33
CA ASN B 372 7.91 -5.97 49.61
C ASN B 372 8.62 -7.31 49.90
N GLU B 373 8.27 -7.94 51.01
CA GLU B 373 9.01 -9.11 51.47
C GLU B 373 8.95 -10.25 50.46
N GLN B 374 7.84 -10.38 49.73
CA GLN B 374 7.73 -11.49 48.79
C GLN B 374 8.66 -11.31 47.58
N GLY B 375 8.91 -10.08 47.17
CA GLY B 375 9.77 -9.83 46.04
C GLY B 375 9.54 -8.44 45.48
N SER B 376 10.09 -8.21 44.28
CA SER B 376 10.02 -6.92 43.62
C SER B 376 9.73 -7.12 42.14
N GLY B 377 9.27 -6.06 41.49
CA GLY B 377 9.12 -6.11 40.04
C GLY B 377 8.52 -4.85 39.48
N TYR B 378 8.50 -4.81 38.15
CA TYR B 378 7.85 -3.74 37.39
C TYR B 378 6.51 -4.21 36.88
N ALA B 379 5.68 -3.24 36.55
CA ALA B 379 4.39 -3.51 35.94
C ALA B 379 3.94 -2.23 35.27
N ALA B 380 3.65 -2.29 33.98
CA ALA B 380 3.10 -1.12 33.30
C ALA B 380 1.70 -0.84 33.82
N ASP B 381 1.29 0.44 33.74
CA ASP B 381 -0.09 0.81 34.04
C ASP B 381 -0.87 0.82 32.74
N LEU B 382 -1.69 -0.22 32.52
CA LEU B 382 -2.36 -0.39 31.24
C LEU B 382 -3.26 0.80 30.90
N LYS B 383 -4.13 1.20 31.85
CA LYS B 383 -5.16 2.19 31.52
C LYS B 383 -4.55 3.51 31.06
N SER B 384 -3.47 3.95 31.70
CA SER B 384 -2.90 5.23 31.31
C SER B 384 -2.01 5.11 30.07
N THR B 385 -1.29 4.00 29.92
CA THR B 385 -0.55 3.78 28.69
C THR B 385 -1.50 3.72 27.50
N GLN B 386 -2.66 3.08 27.67
CA GLN B 386 -3.62 3.00 26.59
C GLN B 386 -4.12 4.38 26.17
N ASN B 387 -4.45 5.24 27.14
CA ASN B 387 -4.99 6.56 26.82
C ASN B 387 -3.97 7.36 26.01
N ALA B 388 -2.69 7.27 26.39
CA ALA B 388 -1.64 7.95 25.65
C ALA B 388 -1.46 7.35 24.25
N ILE B 389 -1.46 6.02 24.14
CA ILE B 389 -1.36 5.44 22.80
C ILE B 389 -2.55 5.84 21.93
N ASP B 390 -3.74 5.97 22.51
CA ASP B 390 -4.87 6.52 21.77
C ASP B 390 -4.51 7.87 21.18
N GLY B 391 -4.07 8.79 22.05
CA GLY B 391 -3.83 10.16 21.60
C GLY B 391 -2.67 10.30 20.62
N ILE B 392 -1.59 9.55 20.85
CA ILE B 392 -0.42 9.69 19.98
C ILE B 392 -0.71 9.08 18.62
N THR B 393 -1.35 7.90 18.56
CA THR B 393 -1.75 7.38 17.26
C THR B 393 -2.68 8.35 16.57
N ASN B 394 -3.57 8.99 17.33
CA ASN B 394 -4.45 9.98 16.75
C ASN B 394 -3.66 11.18 16.22
N LYS B 395 -2.65 11.61 16.98
CA LYS B 395 -1.82 12.72 16.56
C LYS B 395 -1.12 12.40 15.24
N VAL B 396 -0.54 11.20 15.14
CA VAL B 396 0.20 10.82 13.93
C VAL B 396 -0.74 10.71 12.74
N ASN B 397 -1.92 10.11 12.95
CA ASN B 397 -2.91 10.06 11.87
C ASN B 397 -3.31 11.46 11.45
N SER B 398 -3.47 12.39 12.41
CA SER B 398 -3.83 13.78 12.08
C SER B 398 -2.79 14.42 11.17
N VAL B 399 -1.51 14.24 11.47
CA VAL B 399 -0.47 14.77 10.60
C VAL B 399 -0.59 14.18 9.20
N ILE B 400 -0.74 12.86 9.11
CA ILE B 400 -0.88 12.18 7.82
C ILE B 400 -2.03 12.79 7.02
N GLU B 401 -3.22 12.88 7.63
CA GLU B 401 -4.41 13.24 6.89
C GLU B 401 -4.36 14.67 6.38
N LYS B 402 -3.58 15.54 7.05
CA LYS B 402 -3.52 16.93 6.64
C LYS B 402 -2.60 17.16 5.44
N MET B 403 -1.75 16.19 5.12
CA MET B 403 -0.81 16.33 4.01
C MET B 403 -1.29 15.42 2.87
N ASN B 404 -2.33 15.86 2.18
CA ASN B 404 -2.84 15.12 1.02
C ASN B 404 -1.73 14.89 0.00
N THR B 405 -1.80 13.76 -0.69
CA THR B 405 -0.75 13.36 -1.61
C THR B 405 -0.65 14.32 -2.79
N GLN B 406 0.59 14.49 -3.27
CA GLN B 406 0.85 15.27 -4.47
C GLN B 406 0.65 14.40 -5.71
N PHE B 407 -0.21 14.87 -6.61
CA PHE B 407 -0.45 14.16 -7.86
C PHE B 407 0.51 14.67 -8.92
N THR B 408 0.26 14.31 -10.18
CA THR B 408 1.20 14.60 -11.24
C THR B 408 1.35 16.11 -11.43
N ALA B 409 2.57 16.59 -11.25
CA ALA B 409 2.89 18.01 -11.39
C ALA B 409 4.25 18.11 -12.07
N VAL B 410 4.24 18.26 -13.39
CA VAL B 410 5.47 18.32 -14.17
C VAL B 410 5.77 19.77 -14.53
N GLY B 411 6.97 20.00 -15.04
CA GLY B 411 7.40 21.32 -15.43
C GLY B 411 6.84 21.73 -16.78
N LYS B 412 7.29 22.89 -17.24
CA LYS B 412 6.86 23.45 -18.52
C LYS B 412 8.08 23.99 -19.27
N GLU B 413 7.91 24.19 -20.57
CA GLU B 413 8.97 24.67 -21.44
C GLU B 413 8.65 26.05 -21.98
N PHE B 414 9.68 26.88 -22.12
CA PHE B 414 9.52 28.25 -22.57
C PHE B 414 10.60 28.57 -23.58
N SER B 415 10.30 29.52 -24.46
CA SER B 415 11.25 29.93 -25.48
C SER B 415 12.11 31.07 -24.97
N HIS B 416 13.12 31.44 -25.77
CA HIS B 416 14.00 32.54 -25.39
C HIS B 416 13.28 33.89 -25.39
N LEU B 417 12.05 33.95 -25.89
CA LEU B 417 11.24 35.16 -25.86
C LEU B 417 10.14 35.11 -24.82
N GLU B 418 10.19 34.14 -23.90
CA GLU B 418 9.15 33.98 -22.88
C GLU B 418 9.77 33.92 -21.49
N ARG B 419 10.84 34.66 -21.23
CA ARG B 419 11.53 34.51 -19.95
C ARG B 419 10.78 35.13 -18.78
N ARG B 420 9.89 36.10 -19.01
CA ARG B 420 9.11 36.66 -17.92
C ARG B 420 8.13 35.64 -17.35
N ILE B 421 7.41 34.92 -18.21
CA ILE B 421 6.52 33.89 -17.70
C ILE B 421 7.26 32.64 -17.30
N GLU B 422 8.44 32.41 -17.88
CA GLU B 422 9.29 31.33 -17.38
C GLU B 422 9.70 31.59 -15.94
N ASN B 423 10.21 32.80 -15.66
CA ASN B 423 10.60 33.15 -14.30
C ASN B 423 9.40 33.22 -13.36
N LEU B 424 8.24 33.68 -13.85
CA LEU B 424 7.04 33.64 -13.04
C LEU B 424 6.70 32.21 -12.63
N ASN B 425 6.68 31.29 -13.60
CA ASN B 425 6.44 29.87 -13.30
C ASN B 425 7.47 29.34 -12.31
N LYS B 426 8.73 29.74 -12.45
CA LYS B 426 9.72 29.30 -11.47
C LYS B 426 9.43 29.90 -10.10
N LYS B 427 9.07 31.18 -10.07
CA LYS B 427 8.72 31.83 -8.82
C LYS B 427 7.60 31.09 -8.11
N VAL B 428 6.57 30.68 -8.86
CA VAL B 428 5.44 29.99 -8.25
C VAL B 428 5.88 28.64 -7.67
N ASP B 429 6.57 27.83 -8.48
CA ASP B 429 6.99 26.50 -8.00
C ASP B 429 7.86 26.61 -6.76
N ASP B 430 8.90 27.46 -6.81
CA ASP B 430 9.78 27.61 -5.64
C ASP B 430 9.00 28.11 -4.44
N GLY B 431 8.14 29.11 -4.63
CA GLY B 431 7.40 29.68 -3.52
C GLY B 431 6.62 28.64 -2.73
N PHE B 432 5.82 27.83 -3.42
CA PHE B 432 5.02 26.81 -2.75
C PHE B 432 5.89 25.78 -2.03
N ILE B 433 7.05 25.44 -2.60
CA ILE B 433 7.93 24.49 -1.92
C ILE B 433 8.47 25.09 -0.64
N ASP B 434 8.84 26.37 -0.67
CA ASP B 434 9.30 27.02 0.54
C ASP B 434 8.21 27.04 1.60
N ILE B 435 6.95 27.07 1.19
CA ILE B 435 5.86 27.19 2.16
C ILE B 435 5.51 25.84 2.74
N TRP B 436 5.48 24.79 1.92
CA TRP B 436 5.19 23.48 2.49
C TRP B 436 6.36 22.97 3.32
N THR B 437 7.59 23.32 2.96
CA THR B 437 8.73 22.97 3.79
C THR B 437 8.63 23.63 5.17
N TYR B 438 8.32 24.94 5.19
CA TYR B 438 8.07 25.64 6.45
C TYR B 438 6.93 24.97 7.22
N ASN B 439 5.80 24.70 6.56
CA ASN B 439 4.68 24.10 7.25
C ASN B 439 5.06 22.75 7.85
N ALA B 440 5.72 21.90 7.07
CA ALA B 440 6.08 20.58 7.55
C ALA B 440 7.02 20.67 8.75
N GLU B 441 8.09 21.44 8.62
CA GLU B 441 9.08 21.49 9.68
C GLU B 441 8.50 22.10 10.95
N LEU B 442 7.69 23.14 10.80
CA LEU B 442 7.15 23.82 11.98
C LEU B 442 6.18 22.91 12.73
N LEU B 443 5.26 22.27 12.01
CA LEU B 443 4.31 21.35 12.63
C LEU B 443 5.02 20.28 13.46
N VAL B 444 6.09 19.69 12.92
CA VAL B 444 6.80 18.63 13.64
C VAL B 444 7.53 19.19 14.85
N LEU B 445 8.16 20.35 14.72
CA LEU B 445 8.79 20.99 15.88
C LEU B 445 7.78 21.24 17.00
N LEU B 446 6.63 21.84 16.66
CA LEU B 446 5.66 22.17 17.69
C LEU B 446 5.01 20.92 18.27
N GLU B 447 4.64 19.96 17.42
CA GLU B 447 4.03 18.74 17.93
C GLU B 447 5.00 17.94 18.77
N ASN B 448 6.30 17.98 18.44
CA ASN B 448 7.28 17.26 19.26
C ASN B 448 7.33 17.81 20.67
N GLU B 449 7.35 19.15 20.81
CA GLU B 449 7.31 19.75 22.13
C GLU B 449 6.06 19.34 22.90
N ARG B 450 4.90 19.42 22.25
CA ARG B 450 3.65 19.06 22.94
C ARG B 450 3.63 17.58 23.32
N THR B 451 4.14 16.71 22.44
CA THR B 451 4.16 15.28 22.75
C THR B 451 4.96 15.00 24.02
N LEU B 452 6.14 15.63 24.17
CA LEU B 452 6.96 15.39 25.35
C LEU B 452 6.27 15.91 26.62
N ASP B 453 5.75 17.13 26.57
CA ASP B 453 4.98 17.66 27.70
C ASP B 453 3.79 16.75 28.02
N TYR B 454 3.16 16.18 26.99
CA TYR B 454 2.03 15.29 27.19
C TYR B 454 2.42 14.11 28.06
N HIS B 455 3.50 13.41 27.68
CA HIS B 455 4.01 12.31 28.49
C HIS B 455 4.34 12.77 29.91
N ASP B 456 4.91 13.97 30.07
CA ASP B 456 5.28 14.47 31.39
C ASP B 456 4.03 14.63 32.25
N SER B 457 2.95 15.19 31.70
CA SER B 457 1.68 15.33 32.41
C SER B 457 1.10 13.97 32.79
N ASN B 458 1.21 12.98 31.89
CA ASN B 458 0.65 11.68 32.18
C ASN B 458 1.33 11.02 33.39
N VAL B 459 2.67 11.14 33.47
CA VAL B 459 3.37 10.61 34.64
C VAL B 459 2.93 11.33 35.90
N LYS B 460 2.86 12.67 35.85
CA LYS B 460 2.44 13.42 37.04
C LYS B 460 1.02 13.06 37.46
N THR B 461 0.11 12.91 36.49
CA THR B 461 -1.25 12.49 36.82
C THR B 461 -1.25 11.16 37.56
N LEU B 462 -0.45 10.21 37.09
CA LEU B 462 -0.41 8.89 37.72
C LEU B 462 0.11 8.99 39.15
N TYR B 463 1.21 9.71 39.36
CA TYR B 463 1.77 9.86 40.70
C TYR B 463 0.76 10.47 41.66
N GLU B 464 0.05 11.52 41.24
CA GLU B 464 -0.91 12.14 42.13
C GLU B 464 -2.10 11.24 42.41
N LYS B 465 -2.49 10.41 41.43
CA LYS B 465 -3.55 9.43 41.66
C LYS B 465 -3.17 8.50 42.81
N VAL B 466 -1.96 7.95 42.76
CA VAL B 466 -1.53 7.06 43.84
C VAL B 466 -1.45 7.84 45.14
N ARG B 467 -0.87 9.04 45.10
CA ARG B 467 -0.77 9.82 46.34
C ARG B 467 -2.13 10.02 46.96
N SER B 468 -3.12 10.37 46.14
CA SER B 468 -4.48 10.58 46.61
C SER B 468 -5.07 9.30 47.18
N GLN B 469 -4.67 8.15 46.65
CA GLN B 469 -5.11 6.87 47.19
C GLN B 469 -4.48 6.60 48.54
N LEU B 470 -3.16 6.60 48.61
CA LEU B 470 -2.49 6.16 49.82
C LEU B 470 -2.68 7.12 50.97
N LYS B 471 -2.95 8.40 50.69
CA LYS B 471 -3.13 9.45 51.71
C LYS B 471 -1.96 9.35 52.68
N ASN B 472 -2.20 9.33 53.99
CA ASN B 472 -1.13 9.33 55.00
C ASN B 472 -0.86 7.93 55.57
N ASN B 473 -1.29 6.88 54.87
CA ASN B 473 -0.87 5.53 55.18
C ASN B 473 0.51 5.21 54.65
N ALA B 474 1.15 6.15 53.96
CA ALA B 474 2.47 5.95 53.39
C ALA B 474 3.19 7.28 53.36
N LYS B 475 4.52 7.21 53.35
CA LYS B 475 5.38 8.39 53.41
C LYS B 475 5.92 8.72 52.03
N GLU B 476 5.64 9.92 51.55
CA GLU B 476 6.18 10.43 50.29
C GLU B 476 7.68 10.63 50.44
N ILE B 477 8.50 9.76 49.87
CA ILE B 477 9.92 9.83 50.11
C ILE B 477 10.66 10.46 48.94
N GLY B 478 9.97 11.28 48.13
CA GLY B 478 10.53 11.82 46.90
C GLY B 478 10.98 10.77 45.88
N ASN B 479 11.49 11.23 44.74
CA ASN B 479 11.83 10.36 43.60
C ASN B 479 10.63 9.54 43.13
N GLY B 480 9.44 9.87 43.58
CA GLY B 480 8.25 9.19 43.11
C GLY B 480 7.90 7.92 43.85
N CYS B 481 8.51 7.68 45.00
CA CYS B 481 8.28 6.46 45.77
C CYS B 481 7.47 6.76 47.02
N PHE B 482 6.61 5.81 47.38
CA PHE B 482 5.85 5.83 48.63
C PHE B 482 6.29 4.69 49.52
N GLU B 483 6.66 5.00 50.75
CA GLU B 483 7.08 3.99 51.71
C GLU B 483 5.93 3.71 52.68
N PHE B 484 5.45 2.46 52.71
CA PHE B 484 4.24 2.14 53.46
C PHE B 484 4.49 2.07 54.96
N TYR B 485 3.49 2.49 55.73
CA TYR B 485 3.49 2.38 57.19
C TYR B 485 2.92 1.07 57.68
N HIS B 486 2.33 0.28 56.79
CA HIS B 486 1.78 -1.03 57.10
C HIS B 486 2.41 -2.04 56.15
N LYS B 487 2.36 -3.32 56.53
CA LYS B 487 2.82 -4.34 55.60
C LYS B 487 1.89 -4.36 54.39
N CYS B 488 2.48 -4.28 53.19
CA CYS B 488 1.73 -4.29 51.94
C CYS B 488 2.18 -5.49 51.10
N ASP B 489 1.54 -6.64 51.31
CA ASP B 489 1.85 -7.84 50.56
C ASP B 489 1.40 -7.68 49.10
N ASP B 490 1.48 -8.77 48.33
CA ASP B 490 1.22 -8.69 46.89
C ASP B 490 -0.23 -8.28 46.62
N THR B 491 -1.18 -8.79 47.40
CA THR B 491 -2.56 -8.37 47.19
C THR B 491 -2.73 -6.89 47.48
N CYS B 492 -2.11 -6.42 48.56
CA CYS B 492 -2.12 -4.99 48.85
C CYS B 492 -1.53 -4.19 47.70
N MET B 493 -0.35 -4.58 47.22
CA MET B 493 0.27 -3.87 46.10
C MET B 493 -0.61 -3.94 44.86
N GLU B 494 -1.19 -5.11 44.59
CA GLU B 494 -2.05 -5.25 43.42
C GLU B 494 -3.25 -4.29 43.49
N SER B 495 -3.77 -4.05 44.68
CA SER B 495 -4.94 -3.18 44.80
C SER B 495 -4.58 -1.71 44.60
N VAL B 496 -3.37 -1.31 45.00
CA VAL B 496 -2.91 0.04 44.70
C VAL B 496 -2.89 0.26 43.20
N LYS B 497 -2.34 -0.70 42.46
CA LYS B 497 -2.22 -0.56 41.02
C LYS B 497 -3.56 -0.69 40.30
N ASN B 498 -4.60 -1.21 40.98
CA ASN B 498 -5.94 -1.24 40.42
C ASN B 498 -6.75 -0.01 40.80
N GLY B 499 -6.23 0.85 41.66
CA GLY B 499 -6.99 2.00 42.10
C GLY B 499 -8.04 1.72 43.15
N THR B 500 -8.02 0.53 43.75
CA THR B 500 -9.00 0.16 44.75
C THR B 500 -8.34 -0.16 46.10
N TYR B 501 -7.27 0.56 46.42
CA TYR B 501 -6.62 0.45 47.72
C TYR B 501 -7.61 0.82 48.81
N ASP B 502 -7.45 0.18 49.97
CA ASP B 502 -8.44 0.22 51.04
C ASP B 502 -7.84 1.00 52.21
N TYR B 503 -7.88 2.32 52.12
CA TYR B 503 -7.30 3.17 53.16
C TYR B 503 -7.85 2.89 54.55
N PRO B 504 -9.16 2.65 54.76
CA PRO B 504 -9.62 2.28 56.11
C PRO B 504 -9.04 0.97 56.63
N LYS B 505 -8.93 -0.06 55.77
CA LYS B 505 -8.47 -1.36 56.22
C LYS B 505 -7.08 -1.29 56.82
N TYR B 506 -6.18 -0.54 56.19
CA TYR B 506 -4.79 -0.52 56.61
C TYR B 506 -4.48 0.60 57.60
N SER B 507 -5.37 1.57 57.76
CA SER B 507 -5.11 2.66 58.71
C SER B 507 -5.02 2.15 60.14
N GLU B 508 -5.61 0.98 60.43
CA GLU B 508 -5.56 0.37 61.74
C GLU B 508 -4.38 -0.60 61.91
N GLU B 509 -3.69 -0.93 60.83
CA GLU B 509 -2.65 -1.95 60.83
C GLU B 509 -1.24 -1.38 60.72
N ALA B 510 -1.06 -0.08 60.98
CA ALA B 510 0.24 0.54 60.79
C ALA B 510 1.25 -0.05 61.77
N LYS B 511 2.50 -0.15 61.30
CA LYS B 511 3.57 -0.75 62.09
C LYS B 511 3.97 0.13 63.29
N GLU C 1 -17.53 -0.22 11.67
CA GLU C 1 -16.58 -1.01 12.44
C GLU C 1 -15.24 -1.08 11.69
N VAL C 2 -14.36 -1.96 12.14
CA VAL C 2 -13.06 -2.16 11.53
C VAL C 2 -13.14 -3.35 10.59
N GLN C 3 -12.46 -3.24 9.44
CA GLN C 3 -12.38 -4.32 8.47
C GLN C 3 -10.94 -4.81 8.42
N LEU C 4 -10.75 -6.10 8.64
CA LEU C 4 -9.46 -6.76 8.44
C LEU C 4 -9.56 -7.60 7.16
N VAL C 5 -8.65 -7.37 6.23
CA VAL C 5 -8.67 -8.03 4.92
C VAL C 5 -7.32 -8.71 4.70
N GLU C 6 -7.31 -10.04 4.73
CA GLU C 6 -6.10 -10.79 4.45
C GLU C 6 -5.85 -10.88 2.94
N SER C 7 -4.58 -11.10 2.59
CA SER C 7 -4.18 -11.27 1.21
C SER C 7 -4.62 -12.64 0.70
N GLY C 8 -4.42 -12.85 -0.61
CA GLY C 8 -4.99 -14.00 -1.30
C GLY C 8 -4.46 -15.33 -0.78
N ALA C 9 -5.05 -16.39 -1.30
CA ALA C 9 -4.68 -17.74 -0.94
C ALA C 9 -3.29 -18.08 -1.45
N GLU C 10 -2.61 -19.00 -0.78
CA GLU C 10 -1.24 -19.38 -1.11
C GLU C 10 -1.12 -20.90 -1.19
N VAL C 11 -0.33 -21.38 -2.13
CA VAL C 11 -0.03 -22.80 -2.24
C VAL C 11 1.47 -22.96 -2.43
N LYS C 12 2.12 -23.61 -1.46
CA LYS C 12 3.57 -23.61 -1.37
C LYS C 12 4.07 -25.02 -1.06
N LYS C 13 5.35 -25.27 -1.39
CA LYS C 13 5.97 -26.57 -1.19
C LYS C 13 6.68 -26.65 0.15
N PRO C 14 6.87 -27.87 0.69
CA PRO C 14 7.49 -28.00 2.01
C PRO C 14 8.90 -27.42 2.06
N GLY C 15 9.22 -26.78 3.19
CA GLY C 15 10.50 -26.16 3.39
C GLY C 15 10.63 -24.74 2.87
N SER C 16 9.71 -24.31 2.01
CA SER C 16 9.68 -22.94 1.54
C SER C 16 9.01 -22.08 2.61
N SER C 17 8.72 -20.82 2.28
CA SER C 17 8.11 -19.90 3.23
C SER C 17 7.08 -19.05 2.51
N VAL C 18 6.12 -18.55 3.30
CA VAL C 18 5.01 -17.74 2.80
C VAL C 18 4.88 -16.49 3.65
N LYS C 19 4.59 -15.37 3.00
CA LYS C 19 4.40 -14.08 3.68
C LYS C 19 3.01 -13.55 3.31
N VAL C 20 2.07 -13.65 4.25
CA VAL C 20 0.71 -13.16 4.05
C VAL C 20 0.57 -11.82 4.75
N SER C 21 -0.41 -11.02 4.32
CA SER C 21 -0.60 -9.70 4.90
C SER C 21 -2.05 -9.48 5.30
N CYS C 22 -2.25 -8.46 6.11
CA CYS C 22 -3.56 -8.12 6.65
C CYS C 22 -3.66 -6.60 6.65
N LYS C 23 -4.56 -6.08 5.85
CA LYS C 23 -4.74 -4.64 5.69
C LYS C 23 -5.97 -4.19 6.48
N ALA C 24 -5.79 -3.21 7.35
CA ALA C 24 -6.84 -2.72 8.24
C ALA C 24 -7.38 -1.38 7.75
N SER C 25 -8.69 -1.17 7.89
CA SER C 25 -9.33 0.05 7.43
C SER C 25 -9.10 1.20 8.43
N GLY C 26 -9.28 2.42 7.93
CA GLY C 26 -9.03 3.59 8.77
C GLY C 26 -7.56 3.82 9.07
N GLY C 27 -7.31 4.59 10.12
CA GLY C 27 -5.98 4.77 10.65
C GLY C 27 -5.17 5.83 9.92
N PRO C 28 -4.03 5.43 9.34
CA PRO C 28 -3.55 4.04 9.27
C PRO C 28 -2.91 3.51 10.54
N PHE C 29 -2.46 4.37 11.46
CA PHE C 29 -1.98 3.89 12.75
C PHE C 29 -3.15 3.46 13.62
N ARG C 30 -2.99 2.34 14.33
CA ARG C 30 -3.99 1.77 15.23
CA ARG C 30 -4.03 1.91 15.25
C ARG C 30 -3.48 1.83 16.66
N SER C 31 -4.41 1.87 17.62
CA SER C 31 -4.05 1.83 19.03
C SER C 31 -4.30 0.48 19.66
N TYR C 32 -4.46 -0.57 18.85
CA TYR C 32 -4.71 -1.89 19.36
C TYR C 32 -3.76 -2.89 18.70
N ALA C 33 -3.48 -3.98 19.42
CA ALA C 33 -2.61 -5.01 18.88
C ALA C 33 -3.36 -5.83 17.84
N ILE C 34 -2.57 -6.49 16.98
CA ILE C 34 -3.09 -7.43 16.01
C ILE C 34 -2.27 -8.70 16.09
N SER C 35 -2.96 -9.85 16.13
CA SER C 35 -2.29 -11.14 16.11
C SER C 35 -2.83 -11.99 14.97
N TRP C 36 -2.14 -13.09 14.68
CA TRP C 36 -2.54 -14.05 13.66
C TRP C 36 -2.97 -15.35 14.33
N VAL C 37 -4.08 -15.91 13.86
CA VAL C 37 -4.60 -17.18 14.34
C VAL C 37 -4.89 -18.05 13.13
N ARG C 38 -4.51 -19.32 13.20
CA ARG C 38 -4.80 -20.26 12.14
C ARG C 38 -5.70 -21.37 12.66
N GLN C 39 -6.22 -22.18 11.74
CA GLN C 39 -7.11 -23.26 12.12
C GLN C 39 -7.10 -24.32 11.02
N ALA C 40 -6.53 -25.49 11.32
CA ALA C 40 -6.49 -26.60 10.38
C ALA C 40 -7.85 -27.30 10.31
N PRO C 41 -8.17 -27.93 9.17
CA PRO C 41 -9.49 -28.55 9.02
C PRO C 41 -9.73 -29.61 10.09
N GLY C 42 -10.88 -29.51 10.75
CA GLY C 42 -11.21 -30.38 11.85
C GLY C 42 -10.43 -30.11 13.12
N GLN C 43 -10.05 -28.86 13.36
CA GLN C 43 -9.22 -28.51 14.50
C GLN C 43 -9.70 -27.21 15.13
N GLY C 44 -9.24 -26.96 16.35
CA GLY C 44 -9.49 -25.69 17.00
C GLY C 44 -8.52 -24.65 16.53
N PRO C 45 -8.82 -23.37 16.78
CA PRO C 45 -7.86 -22.32 16.45
C PRO C 45 -6.59 -22.47 17.28
N GLU C 46 -5.47 -22.05 16.70
CA GLU C 46 -4.27 -21.91 17.50
C GLU C 46 -3.63 -20.56 17.20
N TRP C 47 -3.40 -19.81 18.26
CA TRP C 47 -2.74 -18.53 18.18
C TRP C 47 -1.30 -18.71 17.71
N MET C 48 -0.83 -17.76 16.90
CA MET C 48 0.54 -17.82 16.41
C MET C 48 1.43 -16.77 17.01
N GLY C 49 0.89 -15.58 17.26
CA GLY C 49 1.69 -14.46 17.70
C GLY C 49 1.02 -13.16 17.33
N GLY C 50 1.55 -12.07 17.91
CA GLY C 50 0.96 -10.75 17.72
C GLY C 50 1.99 -9.64 17.81
N ILE C 51 1.53 -8.41 17.56
CA ILE C 51 2.39 -7.24 17.54
C ILE C 51 1.68 -6.05 18.18
N ILE C 52 2.45 -5.22 18.90
CA ILE C 52 1.95 -4.14 19.72
C ILE C 52 2.13 -2.80 19.00
N PRO C 53 1.14 -1.90 19.03
CA PRO C 53 1.31 -0.57 18.43
C PRO C 53 2.36 0.27 19.16
N ILE C 54 3.03 1.13 18.38
CA ILE C 54 4.07 2.06 18.83
C ILE C 54 5.30 1.30 19.32
N PHE C 55 5.12 0.38 20.26
CA PHE C 55 6.27 -0.36 20.79
C PHE C 55 6.84 -1.32 19.75
N GLY C 56 5.99 -1.87 18.89
CA GLY C 56 6.44 -2.81 17.87
C GLY C 56 6.86 -4.16 18.39
N THR C 57 6.71 -4.42 19.68
CA THR C 57 7.16 -5.70 20.22
C THR C 57 6.21 -6.84 19.82
N THR C 58 6.76 -8.05 19.77
CA THR C 58 6.04 -9.23 19.28
C THR C 58 6.12 -10.33 20.33
N LYS C 59 5.08 -11.16 20.38
CA LYS C 59 5.09 -12.40 21.14
C LYS C 59 4.64 -13.52 20.21
N TYR C 60 5.29 -14.68 20.32
CA TYR C 60 4.98 -15.84 19.49
C TYR C 60 4.65 -17.03 20.37
N ALA C 61 3.77 -17.89 19.86
CA ALA C 61 3.47 -19.13 20.56
C ALA C 61 4.71 -20.04 20.53
N PRO C 62 4.89 -20.88 21.55
CA PRO C 62 6.06 -21.76 21.55
C PRO C 62 6.13 -22.66 20.33
N LYS C 63 4.98 -23.04 19.77
CA LYS C 63 4.98 -24.01 18.67
C LYS C 63 5.59 -23.44 17.40
N PHE C 64 5.45 -22.12 17.19
CA PHE C 64 5.98 -21.45 16.01
C PHE C 64 7.16 -20.56 16.31
N GLN C 65 7.47 -20.36 17.60
CA GLN C 65 8.71 -19.73 18.01
C GLN C 65 9.88 -20.30 17.21
N GLY C 66 10.58 -19.42 16.51
CA GLY C 66 11.74 -19.77 15.72
C GLY C 66 11.52 -19.75 14.22
N ARG C 67 10.26 -19.75 13.76
CA ARG C 67 10.07 -19.74 12.32
C ARG C 67 8.91 -18.84 11.88
N VAL C 68 8.48 -17.90 12.72
CA VAL C 68 7.43 -16.96 12.38
C VAL C 68 7.92 -15.55 12.73
N THR C 69 7.58 -14.58 11.88
CA THR C 69 8.06 -13.21 12.00
C THR C 69 6.91 -12.27 11.68
N ILE C 70 6.45 -11.54 12.68
CA ILE C 70 5.33 -10.61 12.52
C ILE C 70 5.88 -9.19 12.46
N THR C 71 5.45 -8.43 11.46
CA THR C 71 5.96 -7.08 11.23
C THR C 71 4.79 -6.19 10.84
N ALA C 72 5.02 -4.88 10.87
CA ALA C 72 3.95 -3.92 10.66
C ALA C 72 4.47 -2.72 9.87
N ASP C 73 3.68 -2.29 8.89
CA ASP C 73 3.91 -1.04 8.14
C ASP C 73 2.77 -0.10 8.50
N ASP C 74 2.94 0.62 9.61
CA ASP C 74 1.84 1.40 10.16
C ASP C 74 1.38 2.50 9.19
N PHE C 75 2.28 3.01 8.36
CA PHE C 75 1.87 4.03 7.41
C PHE C 75 0.96 3.47 6.33
N ALA C 76 1.11 2.18 6.01
CA ALA C 76 0.26 1.49 5.06
C ALA C 76 -0.89 0.75 5.73
N GLY C 77 -1.06 0.93 7.04
CA GLY C 77 -2.07 0.25 7.82
C GLY C 77 -2.08 -1.26 7.64
N THR C 78 -0.90 -1.86 7.47
CA THR C 78 -0.79 -3.28 7.13
C THR C 78 0.11 -4.00 8.12
N VAL C 79 -0.21 -5.27 8.37
CA VAL C 79 0.58 -6.15 9.22
C VAL C 79 0.90 -7.42 8.43
N TYR C 80 2.11 -7.94 8.60
CA TYR C 80 2.61 -9.07 7.83
C TYR C 80 2.91 -10.26 8.74
N MET C 81 2.88 -11.44 8.14
CA MET C 81 3.16 -12.70 8.82
C MET C 81 3.94 -13.59 7.87
N GLU C 82 5.17 -13.94 8.24
CA GLU C 82 6.04 -14.78 7.44
C GLU C 82 6.30 -16.07 8.20
N LEU C 83 6.00 -17.21 7.57
CA LEU C 83 6.16 -18.53 8.17
C LEU C 83 7.05 -19.38 7.27
N SER C 84 8.09 -19.98 7.85
CA SER C 84 9.13 -20.65 7.08
C SER C 84 9.28 -22.11 7.51
N SER C 85 10.06 -22.86 6.74
CA SER C 85 10.16 -24.30 6.88
C SER C 85 8.77 -24.93 6.91
N LEU C 86 8.02 -24.73 5.83
CA LEU C 86 6.63 -25.15 5.81
C LEU C 86 6.52 -26.67 5.79
N ARG C 87 5.66 -27.21 6.65
CA ARG C 87 5.31 -28.62 6.65
C ARG C 87 3.90 -28.78 6.10
N SER C 88 3.56 -30.00 5.69
CA SER C 88 2.20 -30.28 5.27
C SER C 88 1.21 -29.95 6.37
N GLU C 89 1.60 -30.17 7.63
CA GLU C 89 0.74 -29.85 8.77
C GLU C 89 0.42 -28.37 8.89
N ASP C 90 1.10 -27.50 8.14
CA ASP C 90 0.81 -26.07 8.18
C ASP C 90 -0.39 -25.68 7.32
N THR C 91 -0.96 -26.63 6.59
CA THR C 91 -2.13 -26.37 5.76
C THR C 91 -3.31 -26.00 6.65
N ALA C 92 -3.77 -24.75 6.57
CA ALA C 92 -4.85 -24.26 7.42
C ALA C 92 -5.37 -22.94 6.86
N MET C 93 -6.45 -22.46 7.48
CA MET C 93 -6.96 -21.11 7.24
C MET C 93 -6.25 -20.17 8.20
N TYR C 94 -5.72 -19.06 7.68
CA TYR C 94 -5.02 -18.08 8.50
C TYR C 94 -5.83 -16.80 8.59
N TYR C 95 -6.09 -16.36 9.82
CA TYR C 95 -6.87 -15.17 10.11
C TYR C 95 -5.98 -14.11 10.77
N CYS C 96 -6.20 -12.84 10.46
CA CYS C 96 -5.73 -11.82 11.37
C CYS C 96 -6.92 -11.34 12.19
N ALA C 97 -6.67 -11.05 13.45
CA ALA C 97 -7.69 -10.58 14.36
C ALA C 97 -7.10 -9.47 15.20
N LYS C 98 -7.93 -8.52 15.58
CA LYS C 98 -7.48 -7.42 16.41
C LYS C 98 -7.90 -7.63 17.85
N HIS C 99 -7.15 -7.03 18.75
CA HIS C 99 -7.46 -7.08 20.18
C HIS C 99 -8.19 -5.81 20.60
N MET C 100 -8.84 -5.87 21.76
CA MET C 100 -9.58 -4.71 22.24
C MET C 100 -8.64 -3.55 22.59
N GLY C 101 -7.42 -3.83 23.06
CA GLY C 101 -6.48 -2.80 23.45
C GLY C 101 -5.12 -3.00 22.82
N TYR C 102 -4.06 -2.49 23.45
CA TYR C 102 -2.74 -2.52 22.82
C TYR C 102 -1.92 -3.76 23.17
N GLN C 103 -2.35 -4.56 24.15
CA GLN C 103 -1.67 -5.80 24.50
C GLN C 103 -2.36 -6.98 23.85
N VAL C 104 -1.55 -7.92 23.36
CA VAL C 104 -2.10 -9.18 22.86
C VAL C 104 -2.69 -9.94 24.05
N ARG C 105 -3.79 -10.63 23.80
CA ARG C 105 -4.57 -11.19 24.89
C ARG C 105 -5.48 -12.26 24.33
N GLU C 106 -6.12 -13.00 25.24
CA GLU C 106 -7.07 -14.02 24.83
C GLU C 106 -8.27 -13.46 24.11
N THR C 107 -8.51 -12.15 24.20
CA THR C 107 -9.71 -11.51 23.64
C THR C 107 -9.37 -10.82 22.33
N MET C 108 -9.80 -11.43 21.23
CA MET C 108 -9.76 -10.84 19.90
C MET C 108 -11.21 -10.60 19.49
N ASP C 109 -11.59 -9.33 19.29
CA ASP C 109 -13.00 -9.00 19.11
C ASP C 109 -13.43 -8.87 17.66
N VAL C 110 -12.51 -8.67 16.72
CA VAL C 110 -12.86 -8.54 15.31
C VAL C 110 -11.83 -9.29 14.49
N TRP C 111 -12.32 -10.11 13.55
CA TRP C 111 -11.48 -10.99 12.76
C TRP C 111 -11.63 -10.68 11.27
N GLY C 112 -10.60 -11.02 10.50
CA GLY C 112 -10.71 -11.00 9.05
C GLY C 112 -11.46 -12.22 8.55
N LYS C 113 -11.70 -12.25 7.25
CA LYS C 113 -12.40 -13.40 6.69
C LYS C 113 -11.51 -14.62 6.50
N GLY C 114 -10.20 -14.48 6.62
CA GLY C 114 -9.29 -15.60 6.54
C GLY C 114 -8.83 -15.88 5.12
N THR C 115 -7.62 -16.40 5.01
CA THR C 115 -7.04 -16.86 3.75
C THR C 115 -6.39 -18.22 3.97
N THR C 116 -6.34 -19.04 2.92
CA THR C 116 -5.83 -20.40 3.04
C THR C 116 -4.40 -20.51 2.56
N VAL C 117 -3.63 -21.34 3.26
CA VAL C 117 -2.29 -21.75 2.85
C VAL C 117 -2.30 -23.26 2.75
N THR C 118 -1.98 -23.78 1.57
CA THR C 118 -1.90 -25.21 1.33
C THR C 118 -0.44 -25.60 1.14
N VAL C 119 0.02 -26.59 1.89
CA VAL C 119 1.40 -27.08 1.79
C VAL C 119 1.36 -28.53 1.33
N SER C 120 1.75 -28.77 0.07
CA SER C 120 1.75 -30.10 -0.51
C SER C 120 3.01 -30.29 -1.33
N SER C 121 3.46 -31.55 -1.43
CA SER C 121 4.60 -31.88 -2.29
C SER C 121 4.25 -31.77 -3.77
N ALA C 122 2.99 -31.51 -4.10
CA ALA C 122 2.53 -31.54 -5.47
C ALA C 122 2.82 -30.21 -6.18
N SER C 123 2.76 -30.26 -7.50
CA SER C 123 2.79 -29.08 -8.34
C SER C 123 1.52 -29.09 -9.19
N THR C 124 1.17 -27.94 -9.76
CA THR C 124 -0.04 -27.84 -10.56
C THR C 124 0.07 -28.67 -11.84
N LYS C 125 -1.01 -29.38 -12.16
CA LYS C 125 -1.03 -30.25 -13.34
C LYS C 125 -2.47 -30.38 -13.82
N GLY C 126 -2.63 -30.44 -15.15
CA GLY C 126 -3.93 -30.53 -15.76
C GLY C 126 -4.50 -31.94 -15.70
N PRO C 127 -5.83 -32.05 -15.67
CA PRO C 127 -6.47 -33.36 -15.55
C PRO C 127 -6.41 -34.14 -16.84
N SER C 128 -6.46 -35.47 -16.69
CA SER C 128 -6.46 -36.37 -17.83
C SER C 128 -7.87 -36.84 -18.13
N LYS C 151 -8.78 -37.19 -13.39
CA LYS C 151 -7.75 -37.87 -12.59
C LYS C 151 -6.41 -37.15 -12.68
N ASP C 152 -5.75 -37.02 -11.52
CA ASP C 152 -4.40 -36.45 -11.41
C ASP C 152 -4.37 -34.99 -11.89
N TYR C 153 -4.89 -34.15 -11.01
CA TYR C 153 -4.83 -32.69 -11.10
C TYR C 153 -4.51 -32.18 -9.72
N PHE C 154 -3.99 -30.96 -9.62
CA PHE C 154 -3.67 -30.55 -8.26
C PHE C 154 -4.68 -29.53 -7.71
N PRO C 155 -4.42 -28.22 -7.66
CA PRO C 155 -5.19 -27.38 -6.73
C PRO C 155 -6.65 -27.29 -7.15
N GLU C 156 -7.54 -27.37 -6.16
CA GLU C 156 -8.97 -27.52 -6.45
C GLU C 156 -9.49 -26.33 -7.24
N PRO C 157 -10.26 -26.55 -8.33
CA PRO C 157 -10.70 -25.48 -9.24
C PRO C 157 -11.72 -24.55 -8.61
N PRO C 175 -17.72 -35.46 -4.53
CA PRO C 175 -16.61 -34.61 -4.08
C PRO C 175 -15.26 -35.30 -4.24
N ALA C 176 -14.22 -34.51 -4.47
CA ALA C 176 -12.92 -35.05 -4.83
C ALA C 176 -12.24 -35.69 -3.63
N VAL C 177 -11.25 -36.53 -3.92
CA VAL C 177 -10.42 -37.19 -2.92
C VAL C 177 -8.96 -37.07 -3.36
N LEU C 178 -8.05 -37.09 -2.39
CA LEU C 178 -6.63 -36.96 -2.67
C LEU C 178 -5.93 -38.28 -2.39
N GLN C 179 -5.13 -38.72 -3.36
CA GLN C 179 -4.32 -39.93 -3.22
C GLN C 179 -3.11 -39.65 -2.35
N SER C 180 -2.26 -40.66 -2.19
CA SER C 180 -0.98 -40.46 -1.51
C SER C 180 -0.06 -39.56 -2.32
N SER C 181 -0.32 -39.41 -3.63
CA SER C 181 0.46 -38.54 -4.49
C SER C 181 0.32 -37.07 -4.14
N GLY C 182 -0.65 -36.71 -3.30
CA GLY C 182 -1.06 -35.32 -3.16
C GLY C 182 -1.93 -34.83 -4.28
N LEU C 183 -2.05 -35.59 -5.36
CA LEU C 183 -2.92 -35.23 -6.48
C LEU C 183 -4.36 -35.62 -6.15
N TYR C 184 -5.29 -34.76 -6.55
CA TYR C 184 -6.71 -35.06 -6.39
C TYR C 184 -7.19 -35.85 -7.59
N SER C 185 -8.19 -36.71 -7.35
CA SER C 185 -8.87 -37.44 -8.41
C SER C 185 -10.36 -37.41 -8.10
N LEU C 186 -11.16 -36.92 -9.04
CA LEU C 186 -12.58 -36.67 -8.82
C LEU C 186 -13.41 -37.54 -9.76
N SER C 187 -14.73 -37.45 -9.59
CA SER C 187 -15.68 -38.17 -10.45
C SER C 187 -17.00 -37.42 -10.57
N VAL D 3 -2.92 -27.32 28.17
CA VAL D 3 -4.05 -27.07 27.28
C VAL D 3 -5.34 -26.99 28.11
N LEU D 4 -6.41 -26.55 27.47
CA LEU D 4 -7.73 -26.51 28.07
C LEU D 4 -8.57 -27.66 27.53
N THR D 5 -9.28 -28.34 28.43
CA THR D 5 -10.12 -29.47 28.06
C THR D 5 -11.59 -29.06 28.14
N GLN D 6 -12.33 -29.33 27.08
CA GLN D 6 -13.77 -29.22 27.04
C GLN D 6 -14.36 -30.59 26.69
N PRO D 7 -15.62 -30.82 27.02
CA PRO D 7 -16.30 -31.99 26.48
C PRO D 7 -16.32 -31.93 24.96
N PRO D 8 -16.09 -33.05 24.28
CA PRO D 8 -16.05 -33.01 22.81
C PRO D 8 -17.38 -32.61 22.16
N SER D 9 -18.51 -32.97 22.76
CA SER D 9 -19.80 -32.77 22.08
C SER D 9 -20.93 -32.72 23.11
N VAL D 10 -21.87 -31.80 22.92
CA VAL D 10 -23.07 -31.69 23.75
C VAL D 10 -24.27 -31.42 22.85
N SER D 11 -25.44 -31.90 23.29
CA SER D 11 -26.66 -31.82 22.50
C SER D 11 -27.86 -31.51 23.38
N ALA D 12 -28.85 -30.85 22.79
CA ALA D 12 -30.08 -30.49 23.49
C ALA D 12 -31.12 -30.08 22.45
N ALA D 13 -32.38 -30.06 22.89
CA ALA D 13 -33.53 -29.70 22.08
C ALA D 13 -33.77 -28.20 22.12
N PRO D 14 -34.42 -27.63 21.10
CA PRO D 14 -34.68 -26.19 21.09
C PRO D 14 -35.47 -25.74 22.31
N GLY D 15 -35.14 -24.53 22.79
CA GLY D 15 -35.74 -23.97 23.97
C GLY D 15 -35.08 -24.36 25.26
N GLN D 16 -34.10 -25.26 25.23
CA GLN D 16 -33.41 -25.70 26.43
C GLN D 16 -32.15 -24.88 26.69
N LYS D 17 -31.59 -25.07 27.87
CA LYS D 17 -30.34 -24.43 28.26
C LYS D 17 -29.23 -25.48 28.34
N VAL D 18 -28.12 -25.21 27.68
CA VAL D 18 -26.95 -26.07 27.75
C VAL D 18 -25.81 -25.30 28.42
N THR D 19 -24.82 -26.04 28.90
CA THR D 19 -23.64 -25.47 29.54
C THR D 19 -22.39 -26.21 29.07
N ILE D 20 -21.39 -25.45 28.65
CA ILE D 20 -20.14 -25.99 28.11
C ILE D 20 -19.01 -25.65 29.08
N SER D 21 -18.41 -26.68 29.66
CA SER D 21 -17.36 -26.52 30.66
C SER D 21 -16.00 -26.47 29.97
N CYS D 22 -15.11 -25.64 30.52
CA CYS D 22 -13.73 -25.52 30.06
C CYS D 22 -12.83 -25.68 31.29
N SER D 23 -12.05 -26.75 31.34
CA SER D 23 -11.23 -27.07 32.49
C SER D 23 -9.76 -26.96 32.13
N GLY D 24 -9.01 -26.22 32.93
CA GLY D 24 -7.58 -26.07 32.70
C GLY D 24 -6.80 -26.40 33.95
N SER D 25 -5.75 -25.62 34.17
CA SER D 25 -4.89 -25.77 35.33
C SER D 25 -4.72 -24.45 36.05
N SER D 26 -3.84 -24.39 37.06
CA SER D 26 -3.56 -23.13 37.74
C SER D 26 -2.71 -22.19 36.90
N SER D 27 -2.07 -22.70 35.83
CA SER D 27 -1.26 -21.87 34.96
C SER D 27 -2.08 -21.08 33.94
N ASN D 28 -3.29 -21.53 33.59
CA ASN D 28 -4.12 -20.82 32.63
C ASN D 28 -5.39 -20.24 33.26
N ILE D 29 -6.45 -21.05 33.36
CA ILE D 29 -7.75 -20.54 33.80
C ILE D 29 -7.70 -20.10 35.26
N GLY D 30 -6.98 -20.85 36.10
CA GLY D 30 -6.92 -20.51 37.52
C GLY D 30 -6.23 -19.21 37.86
N ASN D 31 -5.69 -18.48 36.87
CA ASN D 31 -4.96 -17.25 37.16
C ASN D 31 -5.05 -16.24 36.01
N ASP D 32 -6.09 -16.32 35.18
CA ASP D 32 -6.25 -15.39 34.07
C ASP D 32 -7.69 -15.45 33.58
N TYR D 33 -8.07 -14.44 32.78
CA TYR D 33 -9.43 -14.32 32.27
C TYR D 33 -9.71 -15.33 31.17
N VAL D 34 -11.00 -15.59 30.93
CA VAL D 34 -11.44 -16.59 29.96
C VAL D 34 -12.45 -15.96 29.00
N SER D 35 -12.24 -16.21 27.70
CA SER D 35 -13.14 -15.74 26.65
C SER D 35 -13.75 -16.95 25.92
N TRP D 36 -14.87 -16.71 25.24
CA TRP D 36 -15.53 -17.77 24.48
C TRP D 36 -15.78 -17.29 23.05
N TYR D 37 -15.63 -18.22 22.10
CA TYR D 37 -15.86 -17.93 20.69
C TYR D 37 -16.82 -18.94 20.10
N GLN D 38 -17.71 -18.46 19.25
CA GLN D 38 -18.62 -19.29 18.46
C GLN D 38 -18.13 -19.33 17.02
N GLN D 39 -18.16 -20.52 16.41
CA GLN D 39 -17.71 -20.67 15.04
C GLN D 39 -18.72 -21.48 14.25
N LEU D 40 -19.27 -20.89 13.21
CA LEU D 40 -20.17 -21.42 12.20
C LEU D 40 -19.36 -21.89 10.99
N PRO D 41 -19.85 -22.90 10.28
CA PRO D 41 -19.10 -23.40 9.11
C PRO D 41 -18.90 -22.32 8.07
N GLY D 42 -17.66 -22.18 7.61
CA GLY D 42 -17.30 -21.22 6.59
C GLY D 42 -17.02 -19.83 7.08
N THR D 43 -17.18 -19.56 8.38
CA THR D 43 -17.02 -18.24 8.95
C THR D 43 -16.02 -18.25 10.09
N ALA D 44 -15.49 -17.07 10.39
CA ALA D 44 -14.45 -16.89 11.36
C ALA D 44 -15.01 -16.99 12.78
N PRO D 45 -14.16 -17.29 13.76
CA PRO D 45 -14.63 -17.31 15.15
C PRO D 45 -15.18 -15.95 15.57
N LYS D 46 -16.28 -16.00 16.30
CA LYS D 46 -17.02 -14.82 16.73
C LYS D 46 -16.98 -14.76 18.25
N LEU D 47 -16.49 -13.64 18.80
CA LEU D 47 -16.39 -13.51 20.25
C LEU D 47 -17.78 -13.42 20.87
N LEU D 48 -18.00 -14.21 21.92
CA LEU D 48 -19.25 -14.22 22.69
C LEU D 48 -19.10 -13.68 24.10
N ILE D 49 -17.97 -13.96 24.76
CA ILE D 49 -17.76 -13.62 26.16
C ILE D 49 -16.31 -13.21 26.35
N TYR D 50 -16.07 -12.10 27.06
CA TYR D 50 -14.72 -11.70 27.42
C TYR D 50 -14.70 -11.28 28.88
N ASP D 51 -13.50 -11.31 29.46
CA ASP D 51 -13.30 -11.11 30.90
C ASP D 51 -14.27 -11.97 31.71
N ASN D 52 -14.16 -13.28 31.50
CA ASN D 52 -14.95 -14.30 32.20
C ASN D 52 -16.44 -14.23 31.89
N ASN D 53 -17.07 -13.04 31.98
CA ASN D 53 -18.52 -12.99 31.97
C ASN D 53 -19.12 -11.78 31.27
N LYS D 54 -18.36 -11.01 30.52
CA LYS D 54 -18.89 -9.83 29.86
C LYS D 54 -19.15 -10.13 28.38
N ARG D 55 -20.20 -9.52 27.84
CA ARG D 55 -20.54 -9.71 26.44
C ARG D 55 -20.21 -8.47 25.63
N PRO D 56 -19.73 -8.64 24.39
CA PRO D 56 -19.58 -7.49 23.49
C PRO D 56 -20.96 -6.98 23.09
N SER D 57 -20.96 -5.86 22.36
CA SER D 57 -22.20 -5.40 21.75
C SER D 57 -22.64 -6.40 20.71
N GLY D 58 -23.95 -6.68 20.67
CA GLY D 58 -24.52 -7.54 19.67
C GLY D 58 -24.71 -8.99 20.09
N ILE D 59 -24.15 -9.41 21.21
CA ILE D 59 -24.36 -10.78 21.68
C ILE D 59 -25.59 -10.80 22.58
N PRO D 60 -26.54 -11.72 22.34
CA PRO D 60 -27.81 -11.67 23.05
C PRO D 60 -27.69 -12.07 24.51
N ASP D 61 -28.76 -11.77 25.25
CA ASP D 61 -28.82 -12.00 26.70
C ASP D 61 -28.63 -13.46 27.07
N ARG D 62 -29.05 -14.40 26.20
CA ARG D 62 -29.07 -15.81 26.54
C ARG D 62 -27.68 -16.45 26.56
N PHE D 63 -26.66 -15.77 26.02
CA PHE D 63 -25.28 -16.21 26.18
C PHE D 63 -24.72 -15.65 27.47
N SER D 64 -23.96 -16.48 28.19
CA SER D 64 -23.41 -16.09 29.47
C SER D 64 -22.22 -16.97 29.79
N GLY D 65 -21.32 -16.46 30.63
CA GLY D 65 -20.16 -17.21 31.05
C GLY D 65 -19.85 -16.95 32.51
N SER D 66 -19.05 -17.85 33.09
CA SER D 66 -18.59 -17.71 34.46
C SER D 66 -17.31 -18.51 34.62
N LYS D 67 -16.60 -18.26 35.72
CA LYS D 67 -15.37 -18.98 36.05
C LYS D 67 -15.35 -19.29 37.53
N SER D 68 -15.06 -20.55 37.87
CA SER D 68 -14.97 -20.98 39.26
C SER D 68 -13.61 -21.64 39.46
N GLY D 69 -12.69 -20.94 40.11
CA GLY D 69 -11.40 -21.51 40.41
C GLY D 69 -10.61 -21.87 39.17
N THR D 70 -10.77 -23.10 38.69
CA THR D 70 -10.01 -23.59 37.54
C THR D 70 -10.89 -23.93 36.35
N SER D 71 -12.21 -23.96 36.51
CA SER D 71 -13.12 -24.29 35.43
C SER D 71 -13.90 -23.05 35.03
N ALA D 72 -14.02 -22.83 33.73
CA ALA D 72 -14.94 -21.83 33.18
C ALA D 72 -16.12 -22.55 32.56
N THR D 73 -17.19 -21.79 32.32
CA THR D 73 -18.43 -22.40 31.84
C THR D 73 -19.17 -21.43 30.94
N LEU D 74 -19.48 -21.85 29.72
CA LEU D 74 -20.39 -21.12 28.87
C LEU D 74 -21.81 -21.64 29.07
N GLY D 75 -22.76 -20.73 29.05
CA GLY D 75 -24.18 -21.08 29.13
C GLY D 75 -24.98 -20.45 28.02
N ILE D 76 -25.90 -21.23 27.46
CA ILE D 76 -26.81 -20.75 26.42
C ILE D 76 -28.21 -21.18 26.81
N THR D 77 -29.17 -20.26 26.71
CA THR D 77 -30.57 -20.55 26.95
C THR D 77 -31.38 -20.25 25.70
N GLY D 78 -32.65 -20.67 25.73
CA GLY D 78 -33.55 -20.46 24.61
C GLY D 78 -32.93 -20.97 23.33
N LEU D 79 -32.40 -22.18 23.39
CA LEU D 79 -31.58 -22.73 22.32
C LEU D 79 -32.29 -22.67 20.98
N GLN D 80 -31.58 -22.22 19.95
CA GLN D 80 -32.13 -22.06 18.62
C GLN D 80 -31.40 -22.98 17.66
N THR D 81 -32.02 -23.19 16.49
CA THR D 81 -31.37 -23.97 15.45
C THR D 81 -30.09 -23.29 14.98
N GLY D 82 -30.08 -21.96 14.94
CA GLY D 82 -28.91 -21.21 14.51
C GLY D 82 -27.74 -21.25 15.49
N ASP D 83 -27.94 -21.83 16.68
CA ASP D 83 -26.92 -21.91 17.71
C ASP D 83 -26.09 -23.19 17.61
N GLU D 84 -26.29 -24.00 16.58
CA GLU D 84 -25.56 -25.26 16.42
C GLU D 84 -24.22 -24.94 15.75
N ALA D 85 -23.15 -24.96 16.54
CA ALA D 85 -21.83 -24.56 16.04
C ALA D 85 -20.76 -25.18 16.93
N ASN D 86 -19.52 -24.81 16.67
CA ASN D 86 -18.40 -25.15 17.54
C ASN D 86 -18.11 -23.99 18.50
N TYR D 87 -17.87 -24.33 19.76
CA TYR D 87 -17.60 -23.35 20.79
C TYR D 87 -16.24 -23.62 21.41
N TYR D 88 -15.44 -22.56 21.58
CA TYR D 88 -14.07 -22.64 22.04
C TYR D 88 -13.86 -21.66 23.18
N CYS D 89 -13.20 -22.12 24.25
CA CYS D 89 -12.71 -21.22 25.27
C CYS D 89 -11.26 -20.86 24.95
N ALA D 90 -10.85 -19.69 25.42
CA ALA D 90 -9.47 -19.24 25.25
C ALA D 90 -9.05 -18.46 26.49
N THR D 91 -7.75 -18.48 26.76
CA THR D 91 -7.19 -17.81 27.92
C THR D 91 -5.70 -17.62 27.70
N TRP D 92 -5.06 -16.93 28.64
CA TRP D 92 -3.66 -16.52 28.54
C TRP D 92 -2.81 -17.44 29.41
N ASP D 93 -2.15 -18.41 28.78
CA ASP D 93 -1.36 -19.43 29.48
C ASP D 93 0.04 -18.90 29.73
N ARG D 94 0.44 -18.86 31.00
CA ARG D 94 1.80 -18.54 31.38
C ARG D 94 2.73 -19.75 31.32
N ARG D 95 2.26 -20.90 30.76
CA ARG D 95 3.03 -22.12 30.62
C ARG D 95 4.11 -21.97 29.55
N PRO D 96 5.28 -22.65 29.73
CA PRO D 96 6.53 -22.16 29.15
C PRO D 96 6.53 -20.67 28.79
N THR D 97 6.73 -20.36 27.51
CA THR D 97 6.56 -18.98 27.05
C THR D 97 5.07 -18.67 26.97
N ALA D 98 4.68 -17.50 27.46
CA ALA D 98 3.27 -17.14 27.52
C ALA D 98 2.67 -17.05 26.13
N TYR D 99 1.42 -17.48 26.01
CA TYR D 99 0.74 -17.47 24.72
C TYR D 99 -0.76 -17.59 24.95
N VAL D 100 -1.52 -17.40 23.88
CA VAL D 100 -2.96 -17.58 23.89
C VAL D 100 -3.27 -19.03 23.55
N VAL D 101 -4.11 -19.67 24.35
CA VAL D 101 -4.39 -21.09 24.18
C VAL D 101 -5.91 -21.28 24.10
N PHE D 102 -6.34 -22.04 23.10
CA PHE D 102 -7.73 -22.37 22.90
C PHE D 102 -8.04 -23.75 23.49
N GLY D 103 -9.29 -23.95 23.86
CA GLY D 103 -9.74 -25.28 24.23
C GLY D 103 -9.81 -26.20 23.03
N GLY D 104 -10.04 -27.48 23.31
CA GLY D 104 -10.17 -28.44 22.23
C GLY D 104 -11.38 -28.22 21.35
N GLY D 105 -12.37 -27.49 21.84
CA GLY D 105 -13.59 -27.31 21.09
C GLY D 105 -14.70 -28.21 21.59
N THR D 106 -15.93 -27.75 21.42
CA THR D 106 -17.14 -28.50 21.78
C THR D 106 -18.19 -28.27 20.72
N LYS D 107 -18.61 -29.35 20.06
CA LYS D 107 -19.64 -29.27 19.02
C LYS D 107 -21.02 -29.35 19.67
N LEU D 108 -21.83 -28.32 19.47
CA LEU D 108 -23.18 -28.28 19.97
C LEU D 108 -24.13 -28.72 18.86
N THR D 109 -24.92 -29.74 19.12
CA THR D 109 -25.93 -30.24 18.21
C THR D 109 -27.32 -29.94 18.77
N VAL D 110 -28.23 -29.49 17.91
CA VAL D 110 -29.61 -29.23 18.29
C VAL D 110 -30.51 -30.26 17.62
N LEU D 111 -31.53 -30.70 18.34
CA LEU D 111 -32.40 -31.78 17.89
C LEU D 111 -33.74 -31.24 17.41
N GLU D 132 -9.00 -47.18 -22.63
CA GLU D 132 -8.17 -46.07 -23.11
C GLU D 132 -7.06 -45.74 -22.10
N GLU D 133 -7.40 -45.84 -20.81
CA GLU D 133 -6.41 -45.54 -19.77
C GLU D 133 -5.44 -46.69 -19.56
N LEU D 134 -5.87 -47.93 -19.82
CA LEU D 134 -5.00 -49.10 -19.70
C LEU D 134 -3.92 -49.16 -20.78
N GLN D 135 -3.92 -48.21 -21.72
CA GLN D 135 -2.85 -48.14 -22.72
C GLN D 135 -1.62 -47.37 -22.22
N ALA D 136 -1.75 -46.68 -21.09
CA ALA D 136 -0.62 -45.95 -20.49
C ALA D 136 0.01 -46.71 -19.34
N ASN D 137 -0.17 -48.03 -19.31
CA ASN D 137 0.38 -48.90 -18.24
C ASN D 137 -0.17 -48.53 -16.87
N LYS D 138 -1.39 -48.00 -16.82
CA LYS D 138 -2.07 -47.69 -15.57
C LYS D 138 -3.54 -48.08 -15.69
N ALA D 139 -4.14 -48.45 -14.56
CA ALA D 139 -5.53 -48.88 -14.54
C ALA D 139 -6.08 -48.66 -13.15
N THR D 140 -7.16 -47.90 -13.04
CA THR D 140 -7.75 -47.53 -11.76
C THR D 140 -9.19 -48.04 -11.68
N LEU D 141 -9.64 -48.33 -10.46
CA LEU D 141 -10.98 -48.83 -10.22
C LEU D 141 -11.92 -47.68 -9.88
N VAL D 142 -13.20 -47.87 -10.19
CA VAL D 142 -14.23 -46.88 -9.91
C VAL D 142 -15.38 -47.58 -9.19
N CYS D 143 -15.61 -47.21 -7.93
CA CYS D 143 -16.74 -47.73 -7.14
C CYS D 143 -17.36 -46.54 -6.40
N LEU D 144 -18.46 -46.03 -6.93
CA LEU D 144 -19.16 -44.91 -6.32
C LEU D 144 -20.17 -45.41 -5.30
N ILE D 145 -20.61 -44.52 -4.42
CA ILE D 145 -21.61 -44.84 -3.41
C ILE D 145 -22.31 -43.55 -3.01
N SER D 146 -23.62 -43.64 -2.83
CA SER D 146 -24.43 -42.50 -2.43
C SER D 146 -25.78 -43.01 -1.95
N ASP D 147 -26.70 -42.09 -1.68
CA ASP D 147 -28.06 -42.42 -1.24
C ASP D 147 -28.04 -43.30 0.00
N PHE D 148 -27.36 -42.81 1.03
CA PHE D 148 -27.29 -43.47 2.32
C PHE D 148 -27.67 -42.45 3.40
N TYR D 149 -27.67 -42.91 4.65
CA TYR D 149 -27.99 -42.05 5.78
C TYR D 149 -27.57 -42.68 7.10
N GLY D 167 -3.25 -50.38 -1.67
CA GLY D 167 -3.30 -48.95 -1.91
C GLY D 167 -4.69 -48.48 -2.28
N VAL D 168 -5.29 -47.67 -1.42
CA VAL D 168 -6.65 -47.20 -1.63
C VAL D 168 -6.90 -45.92 -0.86
N GLU D 169 -7.43 -44.90 -1.54
CA GLU D 169 -7.92 -43.69 -0.92
C GLU D 169 -9.44 -43.78 -0.77
N THR D 170 -9.97 -43.00 0.18
CA THR D 170 -11.39 -43.05 0.49
C THR D 170 -11.94 -41.65 0.73
N THR D 171 -13.04 -41.32 0.08
CA THR D 171 -13.70 -40.02 0.26
C THR D 171 -14.51 -40.02 1.54
N THR D 172 -14.33 -38.98 2.36
CA THR D 172 -15.15 -38.84 3.56
C THR D 172 -16.59 -38.54 3.16
N PRO D 173 -17.57 -38.99 3.96
CA PRO D 173 -18.98 -38.77 3.61
C PRO D 173 -19.38 -37.31 3.60
N SER D 174 -19.45 -36.71 2.41
CA SER D 174 -19.86 -35.32 2.27
C SER D 174 -21.37 -35.22 2.46
N LYS D 175 -21.95 -34.08 2.07
CA LYS D 175 -23.37 -33.84 2.21
C LYS D 175 -23.94 -33.35 0.88
N GLN D 176 -24.91 -34.09 0.36
CA GLN D 176 -25.56 -33.70 -0.88
C GLN D 176 -26.64 -32.64 -0.61
N SER D 177 -27.11 -32.03 -1.70
CA SER D 177 -28.33 -31.22 -1.61
C SER D 177 -29.54 -32.10 -1.30
N ASN D 178 -29.52 -33.35 -1.76
CA ASN D 178 -30.52 -34.34 -1.37
C ASN D 178 -30.57 -34.56 0.14
N ASN D 179 -29.48 -34.26 0.85
CA ASN D 179 -29.28 -34.57 2.26
C ASN D 179 -29.07 -36.06 2.52
N LYS D 180 -28.73 -36.82 1.49
CA LYS D 180 -28.19 -38.17 1.64
C LYS D 180 -26.68 -38.11 1.56
N TYR D 181 -26.02 -39.01 2.26
CA TYR D 181 -24.56 -39.04 2.29
C TYR D 181 -24.00 -39.63 0.99
N ALA D 182 -22.89 -39.06 0.55
CA ALA D 182 -22.23 -39.48 -0.69
C ALA D 182 -20.74 -39.52 -0.44
N ALA D 183 -20.04 -40.25 -1.31
CA ALA D 183 -18.60 -40.40 -1.16
C ALA D 183 -18.03 -40.95 -2.47
N SER D 184 -16.88 -41.61 -2.39
CA SER D 184 -16.18 -42.24 -3.52
C SER D 184 -15.02 -43.03 -2.97
N SER D 185 -14.46 -43.92 -3.80
CA SER D 185 -13.32 -44.75 -3.39
C SER D 185 -12.62 -45.32 -4.62
N TYR D 186 -11.30 -45.47 -4.53
CA TYR D 186 -10.47 -45.91 -5.65
C TYR D 186 -9.34 -46.79 -5.16
N LEU D 187 -9.07 -47.87 -5.87
CA LEU D 187 -7.94 -48.75 -5.60
C LEU D 187 -6.97 -48.63 -6.78
N SER D 188 -5.83 -48.00 -6.55
CA SER D 188 -4.83 -47.83 -7.59
C SER D 188 -4.11 -49.14 -7.90
#